data_5LRJ
#
_entry.id   5LRJ
#
_cell.length_a   124.960
_cell.length_b   124.960
_cell.length_c   48.120
_cell.angle_alpha   90.00
_cell.angle_beta   90.00
_cell.angle_gamma   120.00
#
_symmetry.space_group_name_H-M   'P 32'
#
loop_
_entity.id
_entity.type
_entity.pdbx_description
1 polymer 'Carboxypeptidase B'
2 polymer 'Anabaenopeptin C'
3 non-polymer 'ZINC ION'
4 water water
#
loop_
_entity_poly.entity_id
_entity_poly.type
_entity_poly.pdbx_seq_one_letter_code
_entity_poly.pdbx_strand_id
1 'polypeptide(L)'
;TTGHSYEKYNNWETIEAWTKQVTSENPDLISRTAIGTTFLGNNIYLLKVGKPGPNKPAIFMDCGFHAREWISHAFCQWFV
REAVLTYGYESHMTEFLNKLDFYVLPVLNIDGYIYTWTKNRMWRKTRSTNAGTTCIGTDPNRNFDAGWCTTGASTDPCDE
TYCGSAAESEKETKALADFIRNNLSSIKAYLTIHSYSQMILYPYSYDYKLPENNAELNNLAKAAVKELATLYGTKYTYGP
GATTIYPAAGGSDDWAYDQGIKYSFTFELRDKGRYGFILPESQIQATCEETMLAIKYVTNYVLGHL
;
A,B,C
2 'polypeptide(L)' (73P)(DLY)V(73O)(MAA)F F,G,H
#
loop_
_chem_comp.id
_chem_comp.type
_chem_comp.name
_chem_comp.formula
ZN non-polymer 'ZINC ION' 'Zn 2'
#
# COMPACT_ATOMS: atom_id res chain seq x y z
N GLY A 3 -38.79 12.74 -20.64
CA GLY A 3 -37.82 13.85 -20.73
C GLY A 3 -36.52 13.54 -20.01
N HIS A 4 -35.61 14.50 -20.01
CA HIS A 4 -34.29 14.31 -19.39
C HIS A 4 -34.34 14.60 -17.90
N SER A 5 -33.67 13.75 -17.12
CA SER A 5 -33.45 14.04 -15.71
C SER A 5 -32.00 13.75 -15.35
N TYR A 6 -31.41 14.59 -14.51
CA TYR A 6 -30.05 14.34 -14.03
C TYR A 6 -30.07 13.29 -12.94
N GLU A 7 -31.28 13.01 -12.45
CA GLU A 7 -31.46 12.08 -11.33
C GLU A 7 -31.86 10.69 -11.83
N LYS A 8 -31.94 10.53 -13.14
CA LYS A 8 -32.26 9.25 -13.73
C LYS A 8 -31.28 8.92 -14.85
N TYR A 9 -31.23 7.64 -15.23
CA TYR A 9 -30.44 7.24 -16.39
C TYR A 9 -31.22 7.53 -17.65
N ASN A 10 -30.62 8.28 -18.57
CA ASN A 10 -31.30 8.67 -19.81
C ASN A 10 -30.80 7.85 -20.99
N ASN A 11 -31.67 7.53 -21.94
CA ASN A 11 -31.24 6.80 -23.12
C ASN A 11 -30.53 7.74 -24.10
N TRP A 12 -29.98 7.19 -25.16
CA TRP A 12 -29.17 7.98 -26.07
C TRP A 12 -29.95 9.10 -26.72
N GLU A 13 -31.19 8.81 -27.14
CA GLU A 13 -32.03 9.80 -27.80
C GLU A 13 -32.16 11.02 -26.89
N THR A 14 -32.31 10.76 -25.59
CA THR A 14 -32.55 11.81 -24.62
C THR A 14 -31.25 12.58 -24.35
N ILE A 15 -30.13 11.87 -24.29
CA ILE A 15 -28.86 12.53 -24.06
C ILE A 15 -28.48 13.40 -25.25
N GLU A 16 -28.73 12.89 -26.45
CA GLU A 16 -28.38 13.62 -27.65
C GLU A 16 -29.17 14.93 -27.72
N ALA A 17 -30.47 14.86 -27.41
CA ALA A 17 -31.31 16.04 -27.40
C ALA A 17 -30.87 16.98 -26.28
N TRP A 18 -30.44 16.39 -25.18
CA TRP A 18 -29.89 17.15 -24.06
C TRP A 18 -28.65 17.94 -24.49
N THR A 19 -27.72 17.31 -25.22
CA THR A 19 -26.51 18.02 -25.61
C THR A 19 -26.86 19.29 -26.37
N LYS A 20 -27.89 19.22 -27.22
CA LYS A 20 -28.32 20.39 -27.98
C LYS A 20 -29.01 21.43 -27.09
N GLN A 21 -29.88 20.96 -26.22
CA GLN A 21 -30.69 21.84 -25.36
C GLN A 21 -29.83 22.60 -24.35
N VAL A 22 -28.94 21.91 -23.65
CA VAL A 22 -28.13 22.55 -22.62
C VAL A 22 -27.14 23.53 -23.24
N THR A 23 -26.70 23.24 -24.47
CA THR A 23 -25.84 24.17 -25.19
C THR A 23 -26.67 25.40 -25.56
N SER A 24 -27.86 25.14 -26.09
CA SER A 24 -28.77 26.20 -26.52
C SER A 24 -29.21 27.11 -25.36
N GLU A 25 -29.39 26.51 -24.18
CA GLU A 25 -29.80 27.27 -23.00
C GLU A 25 -28.64 28.05 -22.38
N ASN A 26 -27.41 27.64 -22.68
CA ASN A 26 -26.23 28.29 -22.08
C ASN A 26 -25.14 28.57 -23.10
N PRO A 27 -25.46 29.34 -24.16
CA PRO A 27 -24.55 29.65 -25.26
C PRO A 27 -23.31 30.41 -24.78
N ASP A 28 -23.43 31.01 -23.60
CA ASP A 28 -22.33 31.77 -23.00
C ASP A 28 -21.29 30.86 -22.36
N LEU A 29 -21.67 29.62 -22.05
CA LEU A 29 -20.83 28.73 -21.24
C LEU A 29 -20.50 27.44 -21.97
N ILE A 30 -21.26 27.14 -23.02
CA ILE A 30 -21.14 25.86 -23.71
C ILE A 30 -21.21 25.99 -25.24
N SER A 31 -20.33 25.26 -25.92
CA SER A 31 -20.46 25.07 -27.36
C SER A 31 -20.32 23.57 -27.64
N ARG A 32 -20.95 23.12 -28.72
CA ARG A 32 -20.97 21.70 -29.04
C ARG A 32 -20.40 21.43 -30.42
N THR A 33 -19.63 20.35 -30.54
CA THR A 33 -19.23 19.79 -31.82
C THR A 33 -19.39 18.28 -31.77
N ALA A 34 -19.10 17.61 -32.88
CA ALA A 34 -18.82 16.18 -32.85
C ALA A 34 -17.35 15.97 -33.18
N ILE A 35 -16.73 14.95 -32.59
CA ILE A 35 -15.34 14.64 -32.90
C ILE A 35 -15.21 13.45 -33.85
N GLY A 36 -16.35 12.86 -34.18
CA GLY A 36 -16.36 11.73 -35.09
C GLY A 36 -17.71 11.04 -35.03
N THR A 37 -17.88 9.98 -35.82
CA THR A 37 -19.09 9.18 -35.76
C THR A 37 -18.74 7.74 -35.38
N THR A 38 -19.75 7.02 -34.89
CA THR A 38 -19.56 5.66 -34.41
C THR A 38 -19.74 4.68 -35.55
N PHE A 39 -19.48 3.41 -35.28
CA PHE A 39 -19.63 2.36 -36.26
C PHE A 39 -21.02 2.40 -36.87
N LEU A 40 -22.02 2.76 -36.07
CA LEU A 40 -23.40 2.79 -36.56
C LEU A 40 -23.85 4.22 -36.90
N GLY A 41 -22.89 5.13 -37.00
CA GLY A 41 -23.18 6.44 -37.55
C GLY A 41 -23.78 7.44 -36.58
N ASN A 42 -23.67 7.15 -35.28
CA ASN A 42 -24.07 8.10 -34.26
C ASN A 42 -22.96 9.14 -34.04
N ASN A 43 -23.37 10.34 -33.69
CA ASN A 43 -22.44 11.46 -33.55
C ASN A 43 -21.83 11.51 -32.16
N ILE A 44 -20.50 11.44 -32.10
CA ILE A 44 -19.81 11.48 -30.82
C ILE A 44 -19.69 12.93 -30.40
N TYR A 45 -20.67 13.42 -29.65
CA TYR A 45 -20.71 14.82 -29.25
C TYR A 45 -19.62 15.15 -28.24
N LEU A 46 -19.14 16.37 -28.31
CA LEU A 46 -18.18 16.90 -27.36
C LEU A 46 -18.63 18.30 -26.94
N LEU A 47 -18.80 18.49 -25.63
CA LEU A 47 -19.21 19.79 -25.12
C LEU A 47 -18.00 20.52 -24.58
N LYS A 48 -17.83 21.75 -25.05
CA LYS A 48 -16.75 22.59 -24.55
C LYS A 48 -17.33 23.55 -23.52
N VAL A 49 -16.99 23.32 -22.26
CA VAL A 49 -17.59 24.08 -21.18
C VAL A 49 -16.59 25.07 -20.59
N GLY A 50 -16.97 26.35 -20.66
CA GLY A 50 -16.09 27.39 -20.15
C GLY A 50 -16.52 28.74 -20.68
N LYS A 51 -16.09 29.80 -20.00
CA LYS A 51 -16.28 31.14 -20.53
C LYS A 51 -15.23 31.36 -21.62
N PRO A 52 -15.68 31.54 -22.87
CA PRO A 52 -14.73 31.55 -23.98
C PRO A 52 -13.67 32.64 -23.86
N GLY A 53 -12.47 32.32 -24.31
CA GLY A 53 -11.36 33.25 -24.22
C GLY A 53 -10.21 32.77 -25.09
N PRO A 54 -9.30 33.67 -25.48
CA PRO A 54 -8.14 33.30 -26.29
C PRO A 54 -7.14 32.41 -25.56
N ASN A 55 -6.82 31.27 -26.17
CA ASN A 55 -5.67 30.47 -25.77
C ASN A 55 -5.79 29.89 -24.36
N LYS A 56 -6.94 29.31 -24.06
CA LYS A 56 -7.17 28.79 -22.72
C LYS A 56 -6.74 27.33 -22.64
N PRO A 57 -6.09 26.95 -21.52
CA PRO A 57 -5.79 25.55 -21.27
C PRO A 57 -7.09 24.77 -21.11
N ALA A 58 -7.01 23.45 -21.21
CA ALA A 58 -8.21 22.63 -21.15
C ALA A 58 -8.02 21.41 -20.27
N ILE A 59 -9.12 20.98 -19.69
CA ILE A 59 -9.18 19.65 -19.09
C ILE A 59 -10.18 18.81 -19.88
N PHE A 60 -9.76 17.60 -20.21
CA PHE A 60 -10.58 16.70 -21.02
C PHE A 60 -11.16 15.59 -20.16
N MET A 61 -12.46 15.39 -20.26
CA MET A 61 -13.14 14.34 -19.53
C MET A 61 -14.09 13.57 -20.45
N ASP A 62 -13.97 12.24 -20.47
CA ASP A 62 -14.99 11.45 -21.14
C ASP A 62 -15.70 10.50 -20.17
N CYS A 63 -16.90 10.10 -20.57
CA CYS A 63 -17.67 9.09 -19.86
C CYS A 63 -18.14 8.06 -20.87
N GLY A 64 -18.61 6.91 -20.38
CA GLY A 64 -19.30 5.97 -21.23
C GLY A 64 -18.42 5.22 -22.22
N PHE A 65 -17.16 5.00 -21.85
CA PHE A 65 -16.32 4.05 -22.60
C PHE A 65 -17.02 2.70 -22.64
N HIS A 66 -17.50 2.26 -21.48
CA HIS A 66 -18.12 0.95 -21.40
C HIS A 66 -19.63 1.06 -21.23
N ALA A 67 -20.34 0.41 -22.15
CA ALA A 67 -21.76 0.67 -22.35
C ALA A 67 -22.57 0.47 -21.08
N ARG A 68 -22.23 -0.55 -20.29
CA ARG A 68 -23.03 -0.95 -19.14
C ARG A 68 -22.82 -0.10 -17.89
N GLU A 69 -21.78 0.73 -17.90
CA GLU A 69 -21.44 1.51 -16.71
C GLU A 69 -22.23 2.82 -16.67
N TRP A 70 -23.55 2.70 -16.53
CA TRP A 70 -24.45 3.84 -16.70
C TRP A 70 -24.17 5.05 -15.80
N ILE A 71 -23.67 4.82 -14.59
CA ILE A 71 -23.39 5.93 -13.68
C ILE A 71 -22.29 6.82 -14.29
N SER A 72 -21.50 6.25 -15.19
CA SER A 72 -20.48 7.02 -15.90
C SER A 72 -21.13 8.10 -16.75
N HIS A 73 -22.06 7.68 -17.61
CA HIS A 73 -22.76 8.58 -18.50
C HIS A 73 -23.47 9.64 -17.68
N ALA A 74 -24.11 9.19 -16.60
CA ALA A 74 -24.85 10.09 -15.73
C ALA A 74 -23.95 11.20 -15.22
N PHE A 75 -22.73 10.88 -14.80
CA PHE A 75 -21.88 11.89 -14.19
C PHE A 75 -21.48 13.02 -15.13
N CYS A 76 -21.13 12.71 -16.38
CA CYS A 76 -20.77 13.76 -17.32
C CYS A 76 -21.93 14.74 -17.46
N GLN A 77 -23.14 14.21 -17.51
CA GLN A 77 -24.33 15.04 -17.55
C GLN A 77 -24.45 15.89 -16.29
N TRP A 78 -24.19 15.27 -15.14
CA TRP A 78 -24.24 15.97 -13.87
C TRP A 78 -23.22 17.10 -13.82
N PHE A 79 -21.99 16.79 -14.20
CA PHE A 79 -20.91 17.78 -14.19
C PHE A 79 -21.27 19.02 -15.00
N VAL A 80 -21.89 18.83 -16.16
CA VAL A 80 -22.22 19.96 -17.00
C VAL A 80 -23.32 20.82 -16.39
N ARG A 81 -24.31 20.17 -15.77
CA ARG A 81 -25.38 20.89 -15.11
C ARG A 81 -24.79 21.74 -13.97
N GLU A 82 -23.90 21.12 -13.21
CA GLU A 82 -23.26 21.79 -12.08
C GLU A 82 -22.45 23.00 -12.54
N ALA A 83 -21.75 22.85 -13.66
CA ALA A 83 -20.95 23.92 -14.20
C ALA A 83 -21.82 25.14 -14.48
N VAL A 84 -22.92 24.90 -15.20
CA VAL A 84 -23.79 25.98 -15.62
C VAL A 84 -24.61 26.52 -14.44
N LEU A 85 -24.93 25.67 -13.47
CA LEU A 85 -25.69 26.10 -12.31
C LEU A 85 -24.88 26.98 -11.37
N THR A 86 -23.66 26.55 -11.08
CA THR A 86 -22.86 27.20 -10.04
C THR A 86 -21.93 28.29 -10.57
N TYR A 87 -21.75 28.38 -11.88
CA TYR A 87 -20.91 29.44 -12.42
C TYR A 87 -21.49 30.80 -12.03
N GLY A 88 -20.65 31.63 -11.41
CA GLY A 88 -21.09 32.94 -10.96
C GLY A 88 -21.68 32.91 -9.57
N TYR A 89 -21.83 31.73 -9.01
CA TYR A 89 -22.46 31.59 -7.70
C TYR A 89 -21.54 30.88 -6.72
N GLU A 90 -20.69 30.00 -7.23
CA GLU A 90 -19.68 29.33 -6.42
C GLU A 90 -18.30 29.63 -6.98
N SER A 91 -17.41 30.10 -6.11
CA SER A 91 -16.22 30.80 -6.54
C SER A 91 -15.22 29.91 -7.29
N HIS A 92 -15.07 28.66 -6.87
CA HIS A 92 -14.09 27.79 -7.50
C HIS A 92 -14.49 27.44 -8.92
N MET A 93 -15.76 27.07 -9.11
CA MET A 93 -16.26 26.75 -10.45
C MET A 93 -16.22 27.97 -11.35
N THR A 94 -16.50 29.15 -10.79
CA THR A 94 -16.41 30.38 -11.57
C THR A 94 -14.97 30.63 -12.03
N GLU A 95 -14.02 30.47 -11.11
CA GLU A 95 -12.60 30.60 -11.46
C GLU A 95 -12.25 29.58 -12.52
N PHE A 96 -12.75 28.35 -12.36
CA PHE A 96 -12.43 27.24 -13.26
C PHE A 96 -12.85 27.53 -14.70
N LEU A 97 -14.09 27.95 -14.86
CA LEU A 97 -14.65 28.14 -16.17
C LEU A 97 -14.06 29.39 -16.79
N ASN A 98 -13.66 30.31 -15.93
CA ASN A 98 -13.06 31.56 -16.37
C ASN A 98 -11.65 31.33 -16.89
N LYS A 99 -10.90 30.44 -16.24
CA LYS A 99 -9.48 30.28 -16.57
C LYS A 99 -9.20 29.13 -17.53
N LEU A 100 -10.08 28.14 -17.57
CA LEU A 100 -9.89 27.05 -18.53
C LEU A 100 -11.20 26.51 -19.09
N ASP A 101 -11.06 25.60 -20.05
CA ASP A 101 -12.19 24.92 -20.63
C ASP A 101 -12.23 23.47 -20.15
N PHE A 102 -13.45 22.96 -19.97
CA PHE A 102 -13.64 21.53 -19.86
C PHE A 102 -14.16 21.01 -21.18
N TYR A 103 -13.46 20.04 -21.75
CA TYR A 103 -13.99 19.28 -22.87
C TYR A 103 -14.68 18.05 -22.31
N VAL A 104 -16.01 18.05 -22.34
CA VAL A 104 -16.77 16.94 -21.80
C VAL A 104 -17.39 16.11 -22.91
N LEU A 105 -16.94 14.86 -23.01
CA LEU A 105 -17.48 13.92 -23.97
C LEU A 105 -18.42 12.98 -23.22
N PRO A 106 -19.73 13.26 -23.29
CA PRO A 106 -20.71 12.59 -22.43
C PRO A 106 -20.86 11.09 -22.66
N VAL A 107 -20.77 10.64 -23.90
CA VAL A 107 -20.82 9.21 -24.21
C VAL A 107 -19.92 8.87 -25.39
N LEU A 108 -18.83 8.14 -25.13
CA LEU A 108 -17.93 7.77 -26.22
C LEU A 108 -18.51 6.61 -27.00
N ASN A 109 -18.93 5.57 -26.28
CA ASN A 109 -19.36 4.32 -26.90
C ASN A 109 -20.90 4.31 -27.00
N ILE A 110 -21.39 5.10 -27.93
CA ILE A 110 -22.83 5.33 -28.08
C ILE A 110 -23.53 4.05 -28.54
N ASP A 111 -22.96 3.39 -29.53
CA ASP A 111 -23.55 2.18 -30.09
C ASP A 111 -23.77 1.12 -29.00
N GLY A 112 -22.75 0.94 -28.17
CA GLY A 112 -22.86 -0.05 -27.11
C GLY A 112 -23.92 0.37 -26.12
N TYR A 113 -23.96 1.67 -25.81
CA TYR A 113 -24.89 2.19 -24.82
C TYR A 113 -26.32 1.94 -25.27
N ILE A 114 -26.62 2.29 -26.51
CA ILE A 114 -27.94 2.00 -27.06
C ILE A 114 -28.28 0.53 -26.87
N TYR A 115 -27.28 -0.33 -27.06
CA TYR A 115 -27.49 -1.78 -26.96
C TYR A 115 -27.84 -2.23 -25.55
N THR A 116 -27.29 -1.58 -24.53
CA THR A 116 -27.64 -1.94 -23.15
C THR A 116 -29.08 -1.57 -22.85
N TRP A 117 -29.61 -0.57 -23.57
CA TRP A 117 -31.01 -0.18 -23.44
C TRP A 117 -31.96 -1.04 -24.27
N THR A 118 -31.49 -1.59 -25.39
CA THR A 118 -32.38 -2.28 -26.32
C THR A 118 -32.32 -3.80 -26.28
N LYS A 119 -31.20 -4.37 -25.84
CA LYS A 119 -30.99 -5.80 -25.97
C LYS A 119 -30.32 -6.45 -24.77
N ASN A 120 -29.23 -5.84 -24.30
CA ASN A 120 -28.36 -6.51 -23.34
C ASN A 120 -27.74 -5.52 -22.37
N ARG A 121 -28.32 -5.46 -21.17
CA ARG A 121 -27.89 -4.51 -20.16
C ARG A 121 -26.43 -4.69 -19.78
N MET A 122 -25.88 -5.89 -19.95
CA MET A 122 -24.49 -6.14 -19.57
C MET A 122 -23.50 -6.05 -20.72
N TRP A 123 -23.90 -5.43 -21.83
CA TRP A 123 -22.96 -5.20 -22.92
C TRP A 123 -21.90 -4.20 -22.48
N ARG A 124 -20.67 -4.44 -22.93
CA ARG A 124 -19.52 -3.61 -22.53
C ARG A 124 -18.89 -2.92 -23.72
N LYS A 125 -18.71 -3.69 -24.80
CA LYS A 125 -17.87 -3.30 -25.91
C LYS A 125 -18.59 -2.39 -26.92
N THR A 126 -17.87 -2.00 -27.98
CA THR A 126 -18.51 -1.36 -29.13
C THR A 126 -19.40 -2.38 -29.83
N ARG A 127 -19.95 -2.00 -30.98
CA ARG A 127 -20.84 -2.89 -31.72
C ARG A 127 -20.38 -3.10 -33.16
N SER A 128 -19.08 -2.95 -33.37
CA SER A 128 -18.47 -3.20 -34.67
C SER A 128 -18.38 -4.69 -34.98
N THR A 129 -18.41 -5.00 -36.28
CA THR A 129 -18.28 -6.38 -36.73
C THR A 129 -16.81 -6.78 -36.79
N ASN A 130 -16.58 -8.10 -36.79
CA ASN A 130 -15.22 -8.63 -36.83
C ASN A 130 -15.10 -9.67 -37.95
N ALA A 131 -13.97 -9.63 -38.66
CA ALA A 131 -13.70 -10.60 -39.71
C ALA A 131 -13.58 -12.00 -39.12
N GLY A 132 -14.20 -12.98 -39.78
CA GLY A 132 -13.99 -14.37 -39.42
C GLY A 132 -14.84 -14.88 -38.27
N THR A 133 -15.69 -14.03 -37.70
CA THR A 133 -16.56 -14.45 -36.61
C THR A 133 -17.83 -13.60 -36.54
N THR A 134 -18.85 -14.14 -35.89
CA THR A 134 -20.10 -13.40 -35.69
C THR A 134 -20.03 -12.56 -34.42
N CYS A 135 -19.02 -12.83 -33.60
CA CYS A 135 -18.84 -12.09 -32.37
C CYS A 135 -18.64 -10.60 -32.64
N ILE A 136 -19.26 -9.78 -31.79
CA ILE A 136 -19.35 -8.35 -32.01
C ILE A 136 -18.53 -7.56 -30.99
N GLY A 137 -17.86 -6.52 -31.49
CA GLY A 137 -17.40 -5.46 -30.62
C GLY A 137 -15.98 -5.57 -30.18
N THR A 138 -15.40 -4.41 -29.88
CA THR A 138 -14.05 -4.28 -29.33
C THR A 138 -14.15 -3.54 -28.01
N ASP A 139 -13.31 -3.92 -27.04
CA ASP A 139 -13.21 -3.13 -25.81
C ASP A 139 -12.45 -1.84 -26.13
N PRO A 140 -13.16 -0.71 -26.13
CA PRO A 140 -12.50 0.53 -26.53
C PRO A 140 -11.32 0.86 -25.62
N ASN A 141 -11.34 0.36 -24.39
CA ASN A 141 -10.24 0.61 -23.48
C ASN A 141 -9.18 -0.48 -23.54
N ARG A 142 -9.19 -1.25 -24.63
CA ARG A 142 -8.05 -2.10 -24.98
C ARG A 142 -7.55 -1.73 -26.39
N ASN A 143 -8.12 -0.67 -26.95
CA ASN A 143 -7.96 -0.38 -28.37
C ASN A 143 -7.02 0.80 -28.61
N PHE A 144 -6.47 1.37 -27.55
CA PHE A 144 -5.54 2.49 -27.70
C PHE A 144 -4.10 2.03 -27.84
N ASP A 145 -3.29 2.88 -28.48
CA ASP A 145 -1.94 2.51 -28.87
C ASP A 145 -0.97 2.68 -27.71
N ALA A 146 -1.09 1.81 -26.73
CA ALA A 146 -0.28 1.86 -25.52
C ALA A 146 -0.03 0.44 -25.03
N GLY A 147 1.14 -0.10 -25.36
CA GLY A 147 1.39 -1.50 -25.11
C GLY A 147 0.27 -2.34 -25.70
N TRP A 148 -0.23 -1.92 -26.86
CA TRP A 148 -1.49 -2.48 -27.38
C TRP A 148 -1.52 -4.01 -27.47
N CYS A 149 -2.57 -4.58 -26.89
CA CYS A 149 -2.84 -6.03 -26.86
C CYS A 149 -1.71 -6.90 -26.30
N THR A 150 -0.89 -6.35 -25.41
CA THR A 150 0.23 -7.11 -24.86
C THR A 150 -0.09 -7.78 -23.53
N THR A 151 -1.01 -7.19 -22.76
CA THR A 151 -1.40 -7.75 -21.47
C THR A 151 -2.81 -7.30 -21.07
N GLY A 152 -3.50 -8.14 -20.29
CA GLY A 152 -4.82 -7.78 -19.79
C GLY A 152 -5.90 -7.66 -20.85
N ALA A 153 -5.59 -8.12 -22.06
CA ALA A 153 -6.54 -8.05 -23.17
C ALA A 153 -6.65 -9.40 -23.85
N SER A 154 -7.60 -9.53 -24.77
CA SER A 154 -7.76 -10.78 -25.52
C SER A 154 -7.67 -10.53 -27.03
N THR A 155 -7.17 -11.53 -27.73
CA THR A 155 -7.09 -11.46 -29.19
C THR A 155 -8.34 -12.08 -29.78
N ASP A 156 -9.20 -12.59 -28.91
CA ASP A 156 -10.45 -13.23 -29.30
C ASP A 156 -11.59 -12.21 -29.30
N PRO A 157 -12.21 -11.99 -30.47
CA PRO A 157 -13.31 -11.04 -30.67
C PRO A 157 -14.53 -11.36 -29.79
N CYS A 158 -14.63 -12.61 -29.36
CA CYS A 158 -15.76 -13.07 -28.56
C CYS A 158 -15.57 -12.75 -27.07
N ASP A 159 -14.41 -12.24 -26.71
CA ASP A 159 -14.17 -11.83 -25.33
C ASP A 159 -14.48 -10.34 -25.14
N GLU A 160 -14.87 -9.98 -23.91
CA GLU A 160 -15.25 -8.62 -23.60
C GLU A 160 -14.06 -7.67 -23.44
N THR A 161 -12.86 -8.21 -23.35
CA THR A 161 -11.64 -7.39 -23.38
C THR A 161 -10.92 -7.49 -24.74
N TYR A 162 -11.65 -7.83 -25.79
CA TYR A 162 -11.06 -7.88 -27.12
C TYR A 162 -10.42 -6.55 -27.50
N CYS A 163 -9.19 -6.65 -27.97
CA CYS A 163 -8.34 -5.47 -28.17
C CYS A 163 -8.49 -4.85 -29.55
N GLY A 164 -9.28 -5.49 -30.42
CA GLY A 164 -9.50 -4.94 -31.74
C GLY A 164 -8.53 -5.52 -32.75
N SER A 165 -8.74 -5.24 -34.03
CA SER A 165 -7.88 -5.79 -35.06
C SER A 165 -6.56 -5.03 -35.13
N ALA A 166 -6.54 -3.84 -34.54
CA ALA A 166 -5.35 -2.98 -34.45
C ALA A 166 -5.67 -1.81 -33.53
N ALA A 167 -4.64 -1.13 -33.03
CA ALA A 167 -4.87 0.06 -32.21
C ALA A 167 -5.67 1.08 -33.02
N GLU A 168 -6.66 1.69 -32.39
CA GLU A 168 -7.47 2.70 -33.05
C GLU A 168 -8.26 2.10 -34.22
N SER A 169 -8.43 0.79 -34.22
CA SER A 169 -9.25 0.14 -35.24
C SER A 169 -10.70 0.62 -35.16
N GLU A 170 -11.10 1.07 -33.97
CA GLU A 170 -12.47 1.52 -33.76
C GLU A 170 -12.60 3.01 -34.09
N LYS A 171 -13.68 3.37 -34.79
CA LYS A 171 -13.91 4.76 -35.14
C LYS A 171 -13.93 5.66 -33.91
N GLU A 172 -14.54 5.16 -32.84
CA GLU A 172 -14.72 5.95 -31.63
C GLU A 172 -13.40 6.26 -30.96
N THR A 173 -12.50 5.27 -30.91
CA THR A 173 -11.21 5.46 -30.25
C THR A 173 -10.27 6.24 -31.15
N LYS A 174 -10.34 5.99 -32.45
CA LYS A 174 -9.60 6.80 -33.42
C LYS A 174 -10.02 8.26 -33.33
N ALA A 175 -11.33 8.48 -33.21
CA ALA A 175 -11.86 9.84 -33.12
C ALA A 175 -11.35 10.52 -31.86
N LEU A 176 -11.33 9.79 -30.75
CA LEU A 176 -10.88 10.37 -29.49
C LEU A 176 -9.38 10.62 -29.55
N ALA A 177 -8.64 9.67 -30.11
CA ALA A 177 -7.20 9.85 -30.20
C ALA A 177 -6.87 11.02 -31.14
N ASP A 178 -7.59 11.10 -32.24
CA ASP A 178 -7.36 12.18 -33.20
C ASP A 178 -7.62 13.53 -32.56
N PHE A 179 -8.67 13.62 -31.75
CA PHE A 179 -9.01 14.90 -31.16
C PHE A 179 -7.95 15.36 -30.17
N ILE A 180 -7.45 14.42 -29.39
CA ILE A 180 -6.46 14.77 -28.36
C ILE A 180 -5.11 15.17 -28.95
N ARG A 181 -4.71 14.52 -30.03
CA ARG A 181 -3.49 14.92 -30.74
C ARG A 181 -3.65 16.29 -31.39
N ASN A 182 -4.85 16.57 -31.90
CA ASN A 182 -5.11 17.84 -32.59
C ASN A 182 -5.27 18.99 -31.59
N ASN A 183 -5.26 18.67 -30.30
CA ASN A 183 -5.46 19.70 -29.27
C ASN A 183 -4.50 19.49 -28.11
N LEU A 184 -3.40 18.81 -28.42
CA LEU A 184 -2.46 18.35 -27.41
C LEU A 184 -1.89 19.51 -26.59
N SER A 185 -1.66 20.63 -27.25
CA SER A 185 -0.95 21.75 -26.61
C SER A 185 -1.85 22.53 -25.65
N SER A 186 -3.15 22.31 -25.70
CA SER A 186 -4.03 22.94 -24.72
C SER A 186 -4.58 21.96 -23.67
N ILE A 187 -4.67 20.68 -24.00
CA ILE A 187 -5.20 19.73 -23.03
C ILE A 187 -4.16 19.40 -21.97
N LYS A 188 -4.48 19.75 -20.73
CA LYS A 188 -3.51 19.63 -19.64
C LYS A 188 -3.81 18.44 -18.74
N ALA A 189 -5.05 17.98 -18.79
CA ALA A 189 -5.42 16.80 -18.02
C ALA A 189 -6.40 15.95 -18.81
N TYR A 190 -6.26 14.63 -18.63
CA TYR A 190 -7.20 13.68 -19.21
C TYR A 190 -7.84 12.84 -18.11
N LEU A 191 -9.17 12.86 -18.07
CA LEU A 191 -9.92 12.16 -17.03
C LEU A 191 -11.00 11.30 -17.68
N THR A 192 -10.93 10.00 -17.44
CA THR A 192 -11.91 9.09 -18.04
C THR A 192 -12.71 8.38 -16.96
N ILE A 193 -14.03 8.45 -17.08
CA ILE A 193 -14.95 8.03 -16.01
C ILE A 193 -15.52 6.64 -16.30
N HIS A 194 -15.31 5.73 -15.35
CA HIS A 194 -15.81 4.35 -15.45
C HIS A 194 -16.56 3.98 -14.18
N SER A 195 -17.17 2.79 -14.15
CA SER A 195 -17.49 2.10 -12.90
C SER A 195 -17.31 0.60 -13.10
N TYR A 196 -17.23 -0.16 -12.02
CA TYR A 196 -17.28 0.36 -10.65
C TYR A 196 -16.07 -0.16 -9.89
N SER A 197 -15.87 0.28 -8.65
CA SER A 197 -14.74 -0.16 -7.81
C SER A 197 -14.32 0.90 -6.82
N GLN A 198 -14.75 2.14 -7.03
CA GLN A 198 -14.31 3.24 -6.18
C GLN A 198 -12.78 3.31 -6.18
N MET A 199 -12.23 3.78 -7.29
CA MET A 199 -10.78 3.94 -7.40
C MET A 199 -10.43 5.18 -8.21
N ILE A 200 -9.26 5.73 -7.91
CA ILE A 200 -8.63 6.68 -8.82
C ILE A 200 -7.29 6.10 -9.25
N LEU A 201 -7.22 5.71 -10.52
CA LEU A 201 -6.02 5.07 -11.03
C LEU A 201 -5.27 6.01 -11.97
N TYR A 202 -3.97 5.80 -12.07
CA TYR A 202 -3.14 6.48 -13.06
C TYR A 202 -2.16 5.47 -13.66
N PRO A 203 -1.41 5.86 -14.70
CA PRO A 203 -0.49 4.94 -15.37
C PRO A 203 0.54 4.34 -14.42
N TYR A 204 1.05 3.15 -14.77
CA TYR A 204 0.66 2.48 -16.01
C TYR A 204 -0.21 1.24 -15.81
N SER A 205 -0.98 0.93 -16.84
CA SER A 205 -1.76 -0.31 -16.87
C SER A 205 -1.17 -1.33 -17.84
N TYR A 206 -0.50 -0.89 -18.89
CA TYR A 206 0.03 -1.85 -19.85
C TYR A 206 1.35 -2.47 -19.41
N ASP A 207 1.96 -1.89 -18.38
CA ASP A 207 3.17 -2.46 -17.79
C ASP A 207 3.32 -2.06 -16.33
N TYR A 208 4.18 -2.79 -15.61
CA TYR A 208 4.40 -2.54 -14.19
C TYR A 208 5.30 -1.34 -13.94
N LYS A 209 5.80 -0.74 -15.01
CA LYS A 209 6.66 0.44 -14.89
C LYS A 209 5.85 1.62 -14.35
N LEU A 210 6.54 2.55 -13.72
CA LEU A 210 5.91 3.74 -13.14
C LEU A 210 6.24 4.98 -13.95
N PRO A 211 5.30 5.91 -14.02
CA PRO A 211 5.53 7.21 -14.67
C PRO A 211 6.52 8.08 -13.89
N GLU A 212 7.28 8.89 -14.61
CA GLU A 212 8.34 9.70 -14.00
C GLU A 212 7.81 10.64 -12.92
N ASN A 213 6.57 11.10 -13.08
CA ASN A 213 5.95 11.90 -12.03
C ASN A 213 5.01 11.04 -11.18
N ASN A 214 5.48 9.81 -10.94
CA ASN A 214 4.73 8.85 -10.13
C ASN A 214 4.35 9.44 -8.78
N ALA A 215 5.33 10.01 -8.10
CA ALA A 215 5.09 10.61 -6.79
C ALA A 215 4.01 11.68 -6.87
N GLU A 216 4.10 12.51 -7.89
CA GLU A 216 3.14 13.60 -8.08
C GLU A 216 1.72 13.06 -8.28
N LEU A 217 1.58 12.09 -9.17
CA LEU A 217 0.26 11.53 -9.46
C LEU A 217 -0.34 10.78 -8.28
N ASN A 218 0.51 10.17 -7.46
CA ASN A 218 -0.01 9.40 -6.33
C ASN A 218 -0.51 10.33 -5.24
N ASN A 219 0.21 11.42 -5.00
CA ASN A 219 -0.20 12.40 -4.01
C ASN A 219 -1.46 13.14 -4.42
N LEU A 220 -1.65 13.37 -5.73
CA LEU A 220 -2.82 14.08 -6.21
C LEU A 220 -4.06 13.21 -6.13
N ALA A 221 -3.92 11.94 -6.50
CA ALA A 221 -5.04 11.01 -6.40
C ALA A 221 -5.41 10.82 -4.92
N LYS A 222 -4.39 10.81 -4.08
CA LYS A 222 -4.57 10.60 -2.65
C LYS A 222 -5.36 11.77 -2.07
N ALA A 223 -4.92 12.98 -2.40
CA ALA A 223 -5.63 14.17 -1.98
C ALA A 223 -7.06 14.15 -2.52
N ALA A 224 -7.21 13.67 -3.76
CA ALA A 224 -8.51 13.70 -4.42
C ALA A 224 -9.47 12.74 -3.72
N VAL A 225 -8.98 11.54 -3.43
CA VAL A 225 -9.75 10.54 -2.70
C VAL A 225 -10.18 11.06 -1.34
N LYS A 226 -9.34 11.89 -0.72
CA LYS A 226 -9.67 12.45 0.58
C LYS A 226 -10.83 13.43 0.45
N GLU A 227 -10.73 14.34 -0.52
CA GLU A 227 -11.81 15.31 -0.74
C GLU A 227 -13.11 14.58 -1.06
N LEU A 228 -13.03 13.52 -1.85
CA LEU A 228 -14.22 12.78 -2.24
C LEU A 228 -14.92 12.23 -1.00
N ALA A 229 -14.14 11.74 -0.05
CA ALA A 229 -14.69 11.12 1.15
C ALA A 229 -15.37 12.13 2.08
N THR A 230 -14.97 13.39 2.00
CA THR A 230 -15.44 14.39 2.95
C THR A 230 -16.96 14.51 2.97
N LEU A 231 -17.61 14.08 1.90
CA LEU A 231 -19.05 14.27 1.78
C LEU A 231 -19.86 13.17 2.46
N TYR A 232 -19.51 11.92 2.23
CA TYR A 232 -20.30 10.80 2.72
C TYR A 232 -19.45 9.68 3.27
N GLY A 233 -18.13 9.89 3.30
CA GLY A 233 -17.25 8.87 3.83
C GLY A 233 -16.98 7.75 2.84
N THR A 234 -17.44 7.91 1.60
CA THR A 234 -17.19 6.90 0.58
C THR A 234 -15.68 6.71 0.45
N LYS A 235 -15.23 5.47 0.50
CA LYS A 235 -13.79 5.18 0.50
C LYS A 235 -13.29 4.72 -0.87
N TYR A 236 -12.29 5.44 -1.37
CA TYR A 236 -11.68 5.13 -2.66
C TYR A 236 -10.24 4.68 -2.44
N THR A 237 -9.79 3.75 -3.26
CA THR A 237 -8.39 3.38 -3.26
C THR A 237 -7.73 4.02 -4.48
N TYR A 238 -6.41 3.88 -4.61
CA TYR A 238 -5.69 4.57 -5.67
C TYR A 238 -4.30 3.99 -5.93
N GLY A 239 -3.78 4.26 -7.13
CA GLY A 239 -2.45 3.83 -7.48
C GLY A 239 -2.27 3.57 -8.97
N PRO A 240 -1.12 3.03 -9.37
CA PRO A 240 -0.86 2.64 -10.77
C PRO A 240 -1.86 1.56 -11.18
N GLY A 241 -2.42 1.69 -12.38
CA GLY A 241 -3.45 0.76 -12.81
C GLY A 241 -3.03 -0.69 -12.68
N ALA A 242 -1.81 -0.99 -13.12
CA ALA A 242 -1.36 -2.38 -13.24
C ALA A 242 -1.39 -3.13 -11.91
N THR A 243 -0.88 -2.49 -10.86
CA THR A 243 -0.80 -3.13 -9.54
C THR A 243 -2.00 -2.82 -8.65
N THR A 244 -2.84 -1.87 -9.06
CA THR A 244 -3.94 -1.44 -8.23
C THR A 244 -5.24 -2.17 -8.54
N ILE A 245 -5.51 -2.45 -9.81
CA ILE A 245 -6.69 -3.24 -10.17
C ILE A 245 -6.36 -4.46 -11.02
N TYR A 246 -5.63 -4.26 -12.12
CA TYR A 246 -5.05 -5.35 -12.91
C TYR A 246 -4.39 -4.80 -14.17
N PRO A 247 -3.43 -5.54 -14.74
CA PRO A 247 -2.79 -5.18 -16.01
C PRO A 247 -3.84 -5.08 -17.12
N ALA A 248 -3.77 -4.02 -17.91
CA ALA A 248 -4.70 -3.85 -19.01
C ALA A 248 -4.10 -2.91 -20.03
N ALA A 249 -3.55 -3.48 -21.09
CA ALA A 249 -2.91 -2.70 -22.12
C ALA A 249 -3.96 -1.98 -22.96
N GLY A 250 -3.52 -0.98 -23.72
CA GLY A 250 -4.41 -0.35 -24.68
C GLY A 250 -5.40 0.63 -24.09
N GLY A 251 -5.16 1.06 -22.86
CA GLY A 251 -6.09 1.99 -22.21
C GLY A 251 -5.88 3.45 -22.58
N SER A 252 -6.96 4.23 -22.57
CA SER A 252 -6.88 5.62 -23.00
C SER A 252 -6.07 6.47 -22.03
N ASP A 253 -6.15 6.18 -20.74
CA ASP A 253 -5.39 6.94 -19.77
C ASP A 253 -3.88 6.81 -19.99
N ASP A 254 -3.39 5.59 -20.17
CA ASP A 254 -1.98 5.37 -20.47
C ASP A 254 -1.56 6.06 -21.77
N TRP A 255 -2.38 5.89 -22.80
CA TRP A 255 -2.06 6.49 -24.10
C TRP A 255 -1.94 8.01 -23.98
N ALA A 256 -2.93 8.65 -23.37
CA ALA A 256 -2.94 10.10 -23.23
C ALA A 256 -1.70 10.60 -22.50
N TYR A 257 -1.30 9.84 -21.48
CA TYR A 257 -0.15 10.21 -20.68
C TYR A 257 1.12 10.15 -21.52
N ASP A 258 1.29 9.06 -22.26
CA ASP A 258 2.44 8.91 -23.13
C ASP A 258 2.46 9.94 -24.26
N GLN A 259 1.35 10.66 -24.46
CA GLN A 259 1.34 11.74 -25.43
C GLN A 259 1.93 13.00 -24.82
N GLY A 260 2.02 13.01 -23.50
CA GLY A 260 2.60 14.15 -22.81
C GLY A 260 1.65 14.78 -21.80
N ILE A 261 0.42 14.30 -21.76
CA ILE A 261 -0.54 14.80 -20.79
C ILE A 261 -0.17 14.24 -19.41
N LYS A 262 0.43 15.07 -18.57
CA LYS A 262 1.06 14.60 -17.34
C LYS A 262 0.06 14.15 -16.28
N TYR A 263 -1.15 14.69 -16.34
CA TYR A 263 -2.17 14.37 -15.35
C TYR A 263 -3.26 13.52 -15.98
N SER A 264 -3.15 12.21 -15.79
CA SER A 264 -4.05 11.27 -16.42
C SER A 264 -4.60 10.28 -15.40
N PHE A 265 -5.94 10.25 -15.28
CA PHE A 265 -6.60 9.44 -14.28
C PHE A 265 -7.80 8.72 -14.86
N THR A 266 -7.99 7.49 -14.40
CA THR A 266 -9.22 6.75 -14.61
C THR A 266 -9.98 6.78 -13.29
N PHE A 267 -11.23 7.20 -13.33
CA PHE A 267 -12.09 7.14 -12.16
C PHE A 267 -13.06 5.98 -12.27
N GLU A 268 -13.01 5.08 -11.30
CA GLU A 268 -14.01 4.03 -11.15
C GLU A 268 -14.97 4.41 -10.05
N LEU A 269 -16.21 4.67 -10.39
CA LEU A 269 -17.17 5.19 -9.41
C LEU A 269 -17.82 4.06 -8.62
N ARG A 270 -18.93 4.38 -7.96
CA ARG A 270 -19.65 3.42 -7.13
C ARG A 270 -20.25 2.28 -7.95
N ASP A 271 -20.44 1.13 -7.30
CA ASP A 271 -20.08 0.97 -5.90
C ASP A 271 -18.91 0.01 -5.80
N LYS A 272 -18.93 -0.88 -4.82
CA LYS A 272 -17.89 -1.89 -4.70
C LYS A 272 -18.42 -3.31 -4.93
N GLY A 273 -19.59 -3.43 -5.54
CA GLY A 273 -20.07 -4.73 -5.94
C GLY A 273 -21.48 -5.09 -5.53
N ARG A 274 -22.00 -4.42 -4.50
CA ARG A 274 -23.35 -4.70 -4.04
C ARG A 274 -24.34 -4.63 -5.20
N TYR A 275 -24.31 -3.54 -5.96
CA TYR A 275 -25.13 -3.42 -7.15
C TYR A 275 -24.31 -3.47 -8.43
N GLY A 276 -23.03 -3.12 -8.31
CA GLY A 276 -22.16 -3.18 -9.46
C GLY A 276 -22.57 -2.21 -10.56
N PHE A 277 -22.77 -2.73 -11.77
CA PHE A 277 -23.11 -1.90 -12.92
C PHE A 277 -24.53 -1.35 -12.86
N ILE A 278 -25.40 -2.02 -12.11
CA ILE A 278 -26.81 -1.64 -12.06
C ILE A 278 -27.08 -0.76 -10.85
N LEU A 279 -26.23 0.24 -10.64
CA LEU A 279 -26.37 1.14 -9.49
C LEU A 279 -27.76 1.76 -9.51
N PRO A 280 -28.50 1.63 -8.39
CA PRO A 280 -29.85 2.20 -8.34
C PRO A 280 -29.86 3.70 -8.54
N GLU A 281 -30.88 4.19 -9.23
CA GLU A 281 -30.95 5.60 -9.60
C GLU A 281 -30.93 6.52 -8.38
N SER A 282 -31.34 5.99 -7.23
CA SER A 282 -31.41 6.79 -6.02
C SER A 282 -30.01 7.19 -5.56
N GLN A 283 -29.00 6.46 -6.05
CA GLN A 283 -27.62 6.77 -5.69
C GLN A 283 -26.92 7.67 -6.70
N ILE A 284 -27.59 8.05 -7.78
CA ILE A 284 -26.96 8.88 -8.79
C ILE A 284 -26.45 10.19 -8.20
N GLN A 285 -27.34 10.88 -7.47
CA GLN A 285 -27.06 12.21 -6.95
C GLN A 285 -25.85 12.25 -6.02
N ALA A 286 -25.83 11.35 -5.04
CA ALA A 286 -24.76 11.33 -4.06
C ALA A 286 -23.45 10.92 -4.71
N THR A 287 -23.53 9.98 -5.65
CA THR A 287 -22.33 9.54 -6.35
C THR A 287 -21.70 10.70 -7.11
N CYS A 288 -22.54 11.44 -7.84
CA CYS A 288 -22.05 12.53 -8.67
C CYS A 288 -21.54 13.68 -7.81
N GLU A 289 -22.20 13.94 -6.68
CA GLU A 289 -21.81 15.03 -5.79
C GLU A 289 -20.41 14.83 -5.21
N GLU A 290 -20.16 13.63 -4.72
CA GLU A 290 -18.86 13.35 -4.13
C GLU A 290 -17.80 13.31 -5.22
N THR A 291 -18.17 12.83 -6.41
CA THR A 291 -17.25 12.77 -7.55
C THR A 291 -16.87 14.17 -8.00
N MET A 292 -17.82 15.10 -7.95
CA MET A 292 -17.54 16.50 -8.23
C MET A 292 -16.38 17.05 -7.42
N LEU A 293 -16.27 16.62 -6.16
CA LEU A 293 -15.25 17.16 -5.27
C LEU A 293 -13.85 16.71 -5.69
N ALA A 294 -13.74 15.45 -6.10
CA ALA A 294 -12.46 14.92 -6.55
C ALA A 294 -12.07 15.56 -7.88
N ILE A 295 -13.06 15.71 -8.76
CA ILE A 295 -12.83 16.33 -10.06
C ILE A 295 -12.40 17.79 -9.87
N LYS A 296 -13.09 18.52 -9.02
CA LYS A 296 -12.77 19.93 -8.80
C LYS A 296 -11.41 20.10 -8.12
N TYR A 297 -11.00 19.14 -7.30
CA TYR A 297 -9.72 19.24 -6.63
C TYR A 297 -8.58 19.06 -7.61
N VAL A 298 -8.74 18.10 -8.52
CA VAL A 298 -7.75 17.86 -9.57
C VAL A 298 -7.65 19.05 -10.50
N THR A 299 -8.81 19.61 -10.83
CA THR A 299 -8.88 20.80 -11.68
C THR A 299 -8.12 21.97 -11.06
N ASN A 300 -8.36 22.21 -9.77
CA ASN A 300 -7.66 23.27 -9.06
C ASN A 300 -6.15 23.03 -9.13
N TYR A 301 -5.75 21.79 -8.87
CA TYR A 301 -4.34 21.42 -8.87
C TYR A 301 -3.71 21.68 -10.24
N VAL A 302 -4.36 21.21 -11.30
CA VAL A 302 -3.85 21.40 -12.65
C VAL A 302 -3.67 22.89 -12.94
N LEU A 303 -4.59 23.68 -12.40
CA LEU A 303 -4.65 25.11 -12.66
C LEU A 303 -3.45 25.83 -12.08
N GLY A 304 -3.00 25.38 -10.90
CA GLY A 304 -1.85 26.01 -10.26
C GLY A 304 -0.53 25.35 -10.63
N HIS A 305 -0.56 24.50 -11.64
CA HIS A 305 0.65 23.81 -12.09
C HIS A 305 0.86 23.92 -13.59
N LEU A 306 0.20 24.89 -14.22
CA LEU A 306 0.36 25.08 -15.65
C LEU A 306 1.79 25.50 -15.97
N GLY B 3 15.88 -6.75 10.50
CA GLY B 3 16.17 -6.38 9.09
C GLY B 3 15.56 -7.36 8.10
N HIS B 4 14.43 -7.94 8.45
CA HIS B 4 13.75 -8.87 7.57
C HIS B 4 13.20 -8.16 6.35
N SER B 5 13.36 -8.76 5.18
CA SER B 5 12.72 -8.27 3.97
C SER B 5 12.13 -9.42 3.16
N TYR B 6 10.96 -9.21 2.58
CA TYR B 6 10.31 -10.23 1.77
C TYR B 6 11.00 -10.33 0.41
N GLU B 7 11.86 -9.36 0.13
CA GLU B 7 12.50 -9.24 -1.17
C GLU B 7 14.02 -9.45 -1.07
N LYS B 8 14.44 -9.98 0.06
CA LYS B 8 15.82 -10.48 0.21
C LYS B 8 15.78 -11.86 0.84
N TYR B 9 16.92 -12.54 0.85
CA TYR B 9 17.03 -13.80 1.57
C TYR B 9 17.44 -13.53 3.02
N ASN B 10 16.70 -14.13 3.94
CA ASN B 10 16.89 -13.85 5.36
C ASN B 10 17.57 -15.02 6.06
N ASN B 11 18.53 -14.72 6.94
CA ASN B 11 19.18 -15.78 7.68
C ASN B 11 18.21 -16.32 8.71
N TRP B 12 18.60 -17.36 9.43
CA TRP B 12 17.68 -18.03 10.32
C TRP B 12 17.24 -17.17 11.50
N GLU B 13 18.19 -16.47 12.10
CA GLU B 13 17.88 -15.61 13.24
C GLU B 13 16.75 -14.65 12.85
N THR B 14 16.85 -14.10 11.64
CA THR B 14 15.86 -13.17 11.12
C THR B 14 14.53 -13.85 10.78
N ILE B 15 14.59 -15.07 10.26
CA ILE B 15 13.36 -15.79 9.97
C ILE B 15 12.63 -16.15 11.26
N GLU B 16 13.40 -16.58 12.26
CA GLU B 16 12.84 -16.91 13.56
C GLU B 16 12.15 -15.70 14.18
N ALA B 17 12.85 -14.57 14.22
CA ALA B 17 12.29 -13.36 14.80
C ALA B 17 11.04 -12.98 14.04
N TRP B 18 11.08 -13.20 12.72
CA TRP B 18 9.94 -12.92 11.87
C TRP B 18 8.72 -13.79 12.19
N THR B 19 8.93 -15.06 12.55
CA THR B 19 7.81 -15.93 12.88
C THR B 19 7.09 -15.40 14.12
N LYS B 20 7.85 -14.85 15.06
CA LYS B 20 7.26 -14.32 16.29
C LYS B 20 6.52 -13.01 16.02
N GLN B 21 7.15 -12.15 15.24
CA GLN B 21 6.63 -10.81 15.00
C GLN B 21 5.39 -10.82 14.08
N VAL B 22 5.41 -11.63 13.02
CA VAL B 22 4.28 -11.66 12.11
C VAL B 22 3.08 -12.35 12.79
N THR B 23 3.35 -13.14 13.82
CA THR B 23 2.28 -13.72 14.62
C THR B 23 1.66 -12.68 15.56
N SER B 24 2.52 -11.88 16.18
CA SER B 24 2.08 -10.87 17.14
C SER B 24 1.30 -9.76 16.45
N GLU B 25 1.66 -9.49 15.21
CA GLU B 25 1.02 -8.44 14.43
C GLU B 25 -0.30 -8.90 13.84
N ASN B 26 -0.52 -10.21 13.76
CA ASN B 26 -1.72 -10.74 13.14
C ASN B 26 -2.38 -11.81 14.02
N PRO B 27 -2.81 -11.42 15.22
CA PRO B 27 -3.39 -12.34 16.22
C PRO B 27 -4.62 -13.05 15.67
N ASP B 28 -5.32 -12.39 14.76
CA ASP B 28 -6.59 -12.91 14.26
C ASP B 28 -6.44 -13.74 13.00
N LEU B 29 -5.20 -13.97 12.57
CA LEU B 29 -4.99 -14.78 11.38
C LEU B 29 -3.84 -15.76 11.51
N ILE B 30 -2.94 -15.51 12.47
CA ILE B 30 -1.76 -16.35 12.63
C ILE B 30 -1.57 -16.81 14.06
N SER B 31 -1.36 -18.11 14.23
CA SER B 31 -0.79 -18.63 15.47
C SER B 31 0.44 -19.47 15.16
N ARG B 32 1.31 -19.62 16.15
CA ARG B 32 2.58 -20.28 15.93
C ARG B 32 2.87 -21.33 17.00
N THR B 33 3.36 -22.48 16.56
CA THR B 33 3.87 -23.51 17.46
C THR B 33 5.21 -24.00 16.93
N ALA B 34 5.87 -24.87 17.69
CA ALA B 34 6.95 -25.69 17.16
C ALA B 34 6.50 -27.14 17.15
N ILE B 35 6.88 -27.89 16.11
CA ILE B 35 6.45 -29.27 15.99
C ILE B 35 7.59 -30.22 16.38
N GLY B 36 8.75 -29.63 16.66
CA GLY B 36 9.91 -30.40 17.07
C GLY B 36 11.14 -29.53 17.17
N THR B 37 12.27 -30.15 17.49
CA THR B 37 13.55 -29.46 17.48
C THR B 37 14.49 -30.16 16.50
N THR B 38 15.47 -29.44 15.97
CA THR B 38 16.40 -30.00 15.00
C THR B 38 17.53 -30.71 15.72
N PHE B 39 18.40 -31.37 14.97
CA PHE B 39 19.55 -32.05 15.54
C PHE B 39 20.38 -31.11 16.41
N LEU B 40 20.42 -29.83 16.08
CA LEU B 40 21.25 -28.87 16.82
C LEU B 40 20.41 -27.95 17.71
N GLY B 41 19.17 -28.35 17.95
CA GLY B 41 18.39 -27.69 18.98
C GLY B 41 17.61 -26.47 18.53
N ASN B 42 17.45 -26.29 17.23
CA ASN B 42 16.62 -25.20 16.72
C ASN B 42 15.15 -25.59 16.65
N ASN B 43 14.28 -24.61 16.90
CA ASN B 43 12.84 -24.84 16.94
C ASN B 43 12.24 -24.85 15.53
N ILE B 44 11.61 -25.97 15.20
CA ILE B 44 10.98 -26.13 13.91
C ILE B 44 9.59 -25.50 13.95
N TYR B 45 9.50 -24.23 13.55
CA TYR B 45 8.25 -23.49 13.71
C TYR B 45 7.21 -23.87 12.66
N LEU B 46 5.95 -23.82 13.07
CA LEU B 46 4.83 -24.01 12.16
C LEU B 46 3.82 -22.90 12.41
N LEU B 47 3.52 -22.15 11.35
CA LEU B 47 2.53 -21.09 11.44
C LEU B 47 1.19 -21.62 10.95
N LYS B 48 0.18 -21.44 11.77
CA LYS B 48 -1.18 -21.77 11.38
C LYS B 48 -1.85 -20.49 10.90
N VAL B 49 -2.16 -20.45 9.61
CA VAL B 49 -2.67 -19.23 9.00
C VAL B 49 -4.12 -19.40 8.60
N GLY B 50 -4.98 -18.50 9.07
CA GLY B 50 -6.39 -18.58 8.75
C GLY B 50 -7.27 -18.03 9.86
N LYS B 51 -8.54 -17.80 9.55
CA LYS B 51 -9.48 -17.28 10.53
C LYS B 51 -9.79 -18.35 11.57
N PRO B 52 -9.44 -18.09 12.82
CA PRO B 52 -9.48 -19.14 13.85
C PRO B 52 -10.89 -19.74 13.96
N GLY B 53 -10.94 -21.06 14.07
CA GLY B 53 -12.21 -21.75 14.11
C GLY B 53 -12.03 -23.23 14.40
N PRO B 54 -13.07 -23.91 14.89
CA PRO B 54 -13.03 -25.34 15.16
C PRO B 54 -13.04 -26.17 13.89
N ASN B 55 -12.36 -27.32 13.94
CA ASN B 55 -12.52 -28.39 12.95
C ASN B 55 -12.50 -27.93 11.50
N LYS B 56 -11.63 -26.99 11.17
CA LYS B 56 -11.48 -26.59 9.78
C LYS B 56 -10.54 -27.56 9.07
N PRO B 57 -10.84 -27.88 7.81
CA PRO B 57 -9.90 -28.63 6.99
C PRO B 57 -8.65 -27.79 6.78
N ALA B 58 -7.54 -28.42 6.42
CA ALA B 58 -6.28 -27.71 6.33
C ALA B 58 -5.48 -28.07 5.08
N ILE B 59 -4.71 -27.10 4.60
CA ILE B 59 -3.69 -27.34 3.58
C ILE B 59 -2.30 -27.18 4.19
N PHE B 60 -1.46 -28.19 4.01
CA PHE B 60 -0.13 -28.16 4.61
C PHE B 60 0.94 -27.85 3.57
N MET B 61 1.79 -26.89 3.90
CA MET B 61 2.86 -26.47 3.00
C MET B 61 4.13 -26.27 3.80
N ASP B 62 5.23 -26.84 3.31
CA ASP B 62 6.52 -26.64 3.93
C ASP B 62 7.54 -26.14 2.92
N CYS B 63 8.52 -25.40 3.43
CA CYS B 63 9.65 -24.94 2.62
C CYS B 63 10.96 -25.36 3.30
N GLY B 64 12.07 -25.16 2.61
CA GLY B 64 13.37 -25.36 3.24
C GLY B 64 13.76 -26.78 3.61
N PHE B 65 13.25 -27.77 2.90
CA PHE B 65 13.73 -29.14 3.06
C PHE B 65 15.22 -29.17 2.74
N HIS B 66 15.59 -28.54 1.63
CA HIS B 66 16.95 -28.55 1.17
C HIS B 66 17.58 -27.19 1.37
N ALA B 67 18.72 -27.21 2.06
CA ALA B 67 19.28 -26.01 2.67
C ALA B 67 19.59 -24.93 1.64
N ARG B 68 20.11 -25.31 0.48
CA ARG B 68 20.63 -24.34 -0.49
C ARG B 68 19.55 -23.76 -1.40
N GLU B 69 18.32 -24.29 -1.31
CA GLU B 69 17.22 -23.81 -2.14
C GLU B 69 16.53 -22.61 -1.51
N TRP B 70 17.27 -21.51 -1.40
CA TRP B 70 16.85 -20.34 -0.63
C TRP B 70 15.53 -19.72 -1.10
N ILE B 71 15.23 -19.82 -2.39
CA ILE B 71 13.98 -19.26 -2.91
C ILE B 71 12.79 -19.99 -2.30
N SER B 72 13.01 -21.24 -1.90
CA SER B 72 11.97 -22.01 -1.21
C SER B 72 11.60 -21.33 0.11
N HIS B 73 12.58 -21.15 0.99
CA HIS B 73 12.37 -20.48 2.26
C HIS B 73 11.67 -19.16 1.98
N ALA B 74 12.21 -18.40 1.04
CA ALA B 74 11.67 -17.09 0.70
C ALA B 74 10.19 -17.16 0.38
N PHE B 75 9.78 -18.23 -0.30
CA PHE B 75 8.39 -18.33 -0.72
C PHE B 75 7.39 -18.51 0.44
N CYS B 76 7.74 -19.31 1.44
CA CYS B 76 6.84 -19.49 2.57
C CYS B 76 6.63 -18.17 3.30
N GLN B 77 7.68 -17.36 3.40
CA GLN B 77 7.57 -16.05 4.01
C GLN B 77 6.64 -15.17 3.18
N TRP B 78 6.81 -15.24 1.86
CA TRP B 78 5.98 -14.45 0.95
C TRP B 78 4.52 -14.84 1.09
N PHE B 79 4.26 -16.13 1.20
CA PHE B 79 2.88 -16.62 1.25
C PHE B 79 2.14 -16.02 2.42
N VAL B 80 2.80 -16.01 3.58
CA VAL B 80 2.15 -15.59 4.81
C VAL B 80 1.82 -14.10 4.79
N ARG B 81 2.73 -13.29 4.26
CA ARG B 81 2.48 -11.86 4.12
C ARG B 81 1.32 -11.61 3.17
N GLU B 82 1.33 -12.33 2.05
CA GLU B 82 0.25 -12.23 1.09
C GLU B 82 -1.07 -12.57 1.79
N ALA B 83 -1.05 -13.64 2.58
CA ALA B 83 -2.24 -14.06 3.31
C ALA B 83 -2.79 -12.92 4.16
N VAL B 84 -1.92 -12.27 4.93
CA VAL B 84 -2.37 -11.23 5.85
C VAL B 84 -2.61 -9.88 5.19
N LEU B 85 -2.03 -9.65 4.03
CA LEU B 85 -2.22 -8.39 3.33
C LEU B 85 -3.53 -8.36 2.56
N THR B 86 -3.93 -9.52 2.05
CA THR B 86 -5.09 -9.58 1.19
C THR B 86 -6.35 -10.01 1.92
N TYR B 87 -6.23 -10.55 3.12
CA TYR B 87 -7.41 -11.02 3.83
C TYR B 87 -8.40 -9.90 4.13
N GLY B 88 -9.65 -10.09 3.71
CA GLY B 88 -10.64 -9.05 3.84
C GLY B 88 -10.59 -8.10 2.66
N TYR B 89 -9.69 -8.37 1.73
CA TYR B 89 -9.53 -7.54 0.55
C TYR B 89 -9.73 -8.32 -0.75
N GLU B 90 -8.97 -9.39 -0.94
CA GLU B 90 -9.14 -10.21 -2.14
C GLU B 90 -10.10 -11.35 -1.84
N SER B 91 -11.13 -11.49 -2.68
CA SER B 91 -12.26 -12.35 -2.36
C SER B 91 -11.87 -13.81 -2.15
N HIS B 92 -11.03 -14.35 -3.03
CA HIS B 92 -10.63 -15.75 -2.93
C HIS B 92 -9.85 -16.05 -1.66
N MET B 93 -8.79 -15.30 -1.41
CA MET B 93 -7.94 -15.53 -0.24
C MET B 93 -8.73 -15.36 1.05
N THR B 94 -9.65 -14.41 1.08
CA THR B 94 -10.50 -14.22 2.26
C THR B 94 -11.31 -15.48 2.46
N GLU B 95 -11.83 -15.99 1.34
CA GLU B 95 -12.58 -17.23 1.36
C GLU B 95 -11.73 -18.38 1.87
N PHE B 96 -10.48 -18.43 1.44
CA PHE B 96 -9.59 -19.52 1.85
C PHE B 96 -9.34 -19.48 3.35
N LEU B 97 -8.94 -18.32 3.85
CA LEU B 97 -8.57 -18.21 5.26
C LEU B 97 -9.80 -18.40 6.16
N ASN B 98 -10.97 -18.12 5.61
CA ASN B 98 -12.21 -18.36 6.33
C ASN B 98 -12.54 -19.84 6.39
N LYS B 99 -12.32 -20.55 5.29
CA LYS B 99 -12.79 -21.92 5.15
C LYS B 99 -11.74 -22.96 5.51
N LEU B 100 -10.47 -22.64 5.29
CA LEU B 100 -9.38 -23.58 5.55
C LEU B 100 -8.35 -22.97 6.48
N ASP B 101 -7.59 -23.83 7.15
CA ASP B 101 -6.35 -23.41 7.79
C ASP B 101 -5.19 -23.75 6.86
N PHE B 102 -4.25 -22.83 6.73
CA PHE B 102 -2.97 -23.12 6.08
C PHE B 102 -1.93 -23.40 7.15
N TYR B 103 -1.37 -24.61 7.14
CA TYR B 103 -0.21 -24.88 7.96
C TYR B 103 1.05 -24.58 7.17
N VAL B 104 1.76 -23.53 7.57
CA VAL B 104 2.96 -23.10 6.87
C VAL B 104 4.22 -23.37 7.71
N LEU B 105 5.09 -24.21 7.19
CA LEU B 105 6.34 -24.55 7.87
C LEU B 105 7.51 -23.91 7.12
N PRO B 106 7.92 -22.72 7.55
CA PRO B 106 8.79 -21.87 6.72
C PRO B 106 10.17 -22.47 6.44
N VAL B 107 10.73 -23.18 7.42
CA VAL B 107 12.00 -23.87 7.20
C VAL B 107 12.04 -25.19 7.95
N LEU B 108 12.07 -26.31 7.22
CA LEU B 108 12.16 -27.62 7.86
C LEU B 108 13.59 -27.92 8.28
N ASN B 109 14.53 -27.76 7.34
CA ASN B 109 15.93 -28.11 7.57
C ASN B 109 16.71 -26.86 7.99
N ILE B 110 16.52 -26.49 9.26
CA ILE B 110 17.04 -25.24 9.80
C ILE B 110 18.55 -25.31 9.97
N ASP B 111 19.04 -26.43 10.50
CA ASP B 111 20.47 -26.62 10.71
C ASP B 111 21.23 -26.48 9.40
N GLY B 112 20.73 -27.14 8.37
CA GLY B 112 21.39 -27.08 7.08
C GLY B 112 21.36 -25.67 6.53
N TYR B 113 20.22 -24.99 6.68
CA TYR B 113 20.07 -23.62 6.20
C TYR B 113 21.11 -22.71 6.86
N ILE B 114 21.27 -22.82 8.18
CA ILE B 114 22.29 -22.04 8.87
C ILE B 114 23.66 -22.32 8.30
N TYR B 115 23.94 -23.58 8.00
CA TYR B 115 25.21 -23.97 7.41
C TYR B 115 25.47 -23.31 6.04
N THR B 116 24.42 -23.06 5.27
CA THR B 116 24.60 -22.42 3.96
C THR B 116 24.88 -20.92 4.09
N TRP B 117 24.62 -20.37 5.27
CA TRP B 117 24.94 -18.98 5.54
C TRP B 117 26.33 -18.84 6.15
N THR B 118 26.71 -19.82 6.96
CA THR B 118 27.94 -19.74 7.73
C THR B 118 29.16 -20.39 7.06
N LYS B 119 28.97 -21.48 6.30
CA LYS B 119 30.07 -22.34 5.90
C LYS B 119 30.10 -22.74 4.43
N ASN B 120 28.94 -23.13 3.90
CA ASN B 120 28.91 -23.76 2.59
C ASN B 120 27.57 -23.53 1.91
N ARG B 121 27.58 -22.62 0.94
CA ARG B 121 26.36 -22.16 0.29
C ARG B 121 25.65 -23.26 -0.49
N MET B 122 26.37 -24.33 -0.80
CA MET B 122 25.78 -25.41 -1.59
C MET B 122 25.39 -26.63 -0.75
N TRP B 123 25.38 -26.50 0.57
CA TRP B 123 24.93 -27.61 1.43
C TRP B 123 23.43 -27.91 1.19
N ARG B 124 23.07 -29.19 1.29
CA ARG B 124 21.70 -29.60 0.97
C ARG B 124 21.02 -30.31 2.14
N LYS B 125 21.79 -31.18 2.78
CA LYS B 125 21.27 -32.14 3.75
C LYS B 125 21.06 -31.53 5.14
N THR B 126 20.68 -32.37 6.10
CA THR B 126 20.67 -31.98 7.50
C THR B 126 22.12 -31.89 7.99
N ARG B 127 22.32 -31.61 9.27
CA ARG B 127 23.67 -31.54 9.80
C ARG B 127 23.89 -32.54 10.92
N SER B 128 23.13 -33.64 10.91
CA SER B 128 23.30 -34.69 11.92
C SER B 128 24.55 -35.52 11.64
N THR B 129 25.12 -36.08 12.71
CA THR B 129 26.29 -36.95 12.58
C THR B 129 25.89 -38.35 12.16
N ASN B 130 26.85 -39.09 11.64
CA ASN B 130 26.62 -40.45 11.18
C ASN B 130 27.65 -41.41 11.76
N ALA B 131 27.17 -42.55 12.25
CA ALA B 131 28.05 -43.57 12.82
C ALA B 131 29.07 -44.06 11.80
N GLY B 132 30.32 -44.16 12.25
CA GLY B 132 31.34 -44.82 11.44
C GLY B 132 31.97 -43.97 10.37
N THR B 133 31.73 -42.66 10.43
CA THR B 133 32.30 -41.74 9.45
C THR B 133 32.17 -40.31 9.93
N THR B 134 32.95 -39.41 9.34
CA THR B 134 32.87 -37.99 9.68
C THR B 134 31.91 -37.25 8.76
N CYS B 135 31.47 -37.92 7.70
CA CYS B 135 30.53 -37.30 6.79
C CYS B 135 29.23 -36.93 7.50
N ILE B 136 28.70 -35.75 7.16
CA ILE B 136 27.58 -35.15 7.87
C ILE B 136 26.29 -35.18 7.06
N GLY B 137 25.20 -35.55 7.73
CA GLY B 137 23.89 -35.18 7.26
C GLY B 137 23.16 -36.17 6.39
N THR B 138 21.83 -36.03 6.38
CA THR B 138 20.95 -36.90 5.63
C THR B 138 20.09 -36.04 4.71
N ASP B 139 19.71 -36.59 3.56
CA ASP B 139 18.75 -35.93 2.68
C ASP B 139 17.34 -36.14 3.24
N PRO B 140 16.73 -35.08 3.80
CA PRO B 140 15.40 -35.26 4.37
C PRO B 140 14.35 -35.79 3.39
N ASN B 141 14.52 -35.48 2.10
CA ASN B 141 13.56 -35.95 1.11
C ASN B 141 13.92 -37.34 0.59
N ARG B 142 14.83 -38.01 1.27
CA ARG B 142 15.04 -39.44 1.10
C ARG B 142 14.81 -40.18 2.42
N ASN B 143 14.35 -39.45 3.44
CA ASN B 143 14.31 -40.01 4.79
C ASN B 143 12.89 -40.40 5.22
N PHE B 144 11.94 -40.30 4.30
CA PHE B 144 10.57 -40.65 4.63
C PHE B 144 10.21 -42.10 4.27
N ASP B 145 9.25 -42.64 5.00
CA ASP B 145 8.89 -44.05 4.90
C ASP B 145 8.05 -44.31 3.66
N ALA B 146 8.65 -44.05 2.49
CA ALA B 146 7.98 -44.24 1.21
C ALA B 146 8.94 -44.94 0.25
N GLY B 147 8.82 -46.26 0.18
CA GLY B 147 9.76 -47.05 -0.57
C GLY B 147 11.18 -46.78 -0.09
N TRP B 148 11.30 -46.47 1.20
CA TRP B 148 12.51 -45.89 1.74
C TRP B 148 13.82 -46.54 1.26
N CYS B 149 14.68 -45.71 0.67
CA CYS B 149 16.02 -46.09 0.22
C CYS B 149 16.08 -47.25 -0.75
N THR B 150 15.04 -47.43 -1.56
CA THR B 150 15.04 -48.51 -2.55
C THR B 150 15.54 -48.06 -3.92
N THR B 151 15.42 -46.77 -4.21
CA THR B 151 15.87 -46.24 -5.50
C THR B 151 16.04 -44.71 -5.45
N GLY B 152 16.94 -44.19 -6.28
CA GLY B 152 17.16 -42.75 -6.34
C GLY B 152 17.78 -42.19 -5.08
N ALA B 153 18.31 -43.06 -4.23
CA ALA B 153 18.93 -42.63 -2.99
C ALA B 153 20.30 -43.27 -2.84
N SER B 154 20.97 -42.98 -1.72
CA SER B 154 22.27 -43.54 -1.45
C SER B 154 22.35 -44.05 -0.01
N THR B 155 23.02 -45.19 0.18
CA THR B 155 23.30 -45.73 1.51
C THR B 155 24.60 -45.18 2.08
N ASP B 156 25.33 -44.40 1.29
CA ASP B 156 26.58 -43.80 1.73
C ASP B 156 26.31 -42.41 2.33
N PRO B 157 26.57 -42.25 3.63
CA PRO B 157 26.33 -40.96 4.31
C PRO B 157 27.14 -39.79 3.77
N CYS B 158 28.15 -40.08 2.94
CA CYS B 158 28.95 -39.02 2.35
C CYS B 158 28.31 -38.46 1.07
N ASP B 159 27.21 -39.08 0.65
CA ASP B 159 26.51 -38.63 -0.56
C ASP B 159 25.39 -37.66 -0.22
N GLU B 160 25.02 -36.80 -1.16
CA GLU B 160 24.03 -35.77 -0.90
C GLU B 160 22.62 -36.33 -0.89
N THR B 161 22.43 -37.53 -1.43
CA THR B 161 21.13 -38.19 -1.37
C THR B 161 21.08 -39.31 -0.33
N TYR B 162 21.98 -39.24 0.66
CA TYR B 162 21.96 -40.24 1.73
C TYR B 162 20.56 -40.33 2.32
N CYS B 163 20.11 -41.56 2.55
CA CYS B 163 18.73 -41.79 2.94
C CYS B 163 18.57 -41.91 4.44
N GLY B 164 19.69 -41.85 5.16
CA GLY B 164 19.63 -41.94 6.61
C GLY B 164 19.81 -43.37 7.10
N SER B 165 19.87 -43.55 8.42
CA SER B 165 20.06 -44.87 8.99
C SER B 165 18.77 -45.68 8.94
N ALA B 166 17.65 -44.97 8.86
CA ALA B 166 16.32 -45.58 8.79
C ALA B 166 15.34 -44.48 8.45
N ALA B 167 14.12 -44.85 8.05
CA ALA B 167 13.12 -43.86 7.72
C ALA B 167 12.84 -43.07 8.99
N GLU B 168 12.69 -41.75 8.86
CA GLU B 168 12.44 -40.87 9.99
C GLU B 168 13.58 -40.88 11.02
N SER B 169 14.77 -41.33 10.63
CA SER B 169 15.92 -41.26 11.50
C SER B 169 16.28 -39.82 11.88
N GLU B 170 15.85 -38.84 11.08
CA GLU B 170 16.16 -37.45 11.38
C GLU B 170 15.07 -36.84 12.24
N LYS B 171 15.44 -36.01 13.21
CA LYS B 171 14.45 -35.41 14.09
C LYS B 171 13.49 -34.55 13.29
N GLU B 172 14.02 -33.93 12.24
CA GLU B 172 13.25 -32.99 11.45
C GLU B 172 12.12 -33.70 10.71
N THR B 173 12.45 -34.83 10.09
CA THR B 173 11.47 -35.57 9.32
C THR B 173 10.53 -36.36 10.21
N LYS B 174 11.04 -36.88 11.32
CA LYS B 174 10.18 -37.52 12.30
C LYS B 174 9.14 -36.53 12.81
N ALA B 175 9.60 -35.32 13.13
CA ALA B 175 8.70 -34.27 13.63
C ALA B 175 7.61 -33.92 12.63
N LEU B 176 7.96 -33.87 11.35
CA LEU B 176 7.02 -33.50 10.30
C LEU B 176 6.04 -34.64 10.05
N ALA B 177 6.54 -35.88 10.08
CA ALA B 177 5.70 -37.06 9.90
C ALA B 177 4.72 -37.19 11.06
N ASP B 178 5.21 -36.95 12.27
CA ASP B 178 4.37 -37.06 13.46
C ASP B 178 3.25 -36.03 13.40
N PHE B 179 3.59 -34.82 12.97
CA PHE B 179 2.59 -33.77 12.94
C PHE B 179 1.50 -34.10 11.93
N ILE B 180 1.91 -34.58 10.76
CA ILE B 180 0.94 -34.91 9.73
C ILE B 180 0.08 -36.10 10.13
N ARG B 181 0.68 -37.12 10.74
CA ARG B 181 -0.07 -38.26 11.24
C ARG B 181 -1.02 -37.85 12.36
N ASN B 182 -0.57 -36.99 13.26
CA ASN B 182 -1.40 -36.53 14.37
C ASN B 182 -2.53 -35.62 13.90
N ASN B 183 -2.48 -35.15 12.67
CA ASN B 183 -3.47 -34.21 12.16
C ASN B 183 -4.06 -34.65 10.83
N LEU B 184 -3.94 -35.95 10.55
CA LEU B 184 -4.27 -36.50 9.24
C LEU B 184 -5.71 -36.22 8.80
N SER B 185 -6.65 -36.31 9.73
CA SER B 185 -8.07 -36.18 9.39
C SER B 185 -8.43 -34.79 8.87
N SER B 186 -7.63 -33.78 9.21
CA SER B 186 -7.95 -32.43 8.76
C SER B 186 -7.08 -31.90 7.62
N ILE B 187 -5.97 -32.58 7.33
CA ILE B 187 -5.07 -32.15 6.27
C ILE B 187 -5.45 -32.78 4.92
N LYS B 188 -5.90 -31.93 3.99
CA LYS B 188 -6.51 -32.38 2.75
C LYS B 188 -5.54 -32.27 1.56
N ALA B 189 -4.48 -31.48 1.74
CA ALA B 189 -3.49 -31.31 0.69
C ALA B 189 -2.12 -31.12 1.29
N TYR B 190 -1.11 -31.72 0.65
CA TYR B 190 0.27 -31.55 1.09
C TYR B 190 1.09 -30.88 -0.02
N LEU B 191 1.67 -29.73 0.30
CA LEU B 191 2.48 -28.99 -0.68
C LEU B 191 3.88 -28.76 -0.14
N THR B 192 4.89 -29.20 -0.88
CA THR B 192 6.26 -29.09 -0.42
C THR B 192 7.13 -28.32 -1.42
N ILE B 193 7.76 -27.25 -0.95
CA ILE B 193 8.36 -26.26 -1.84
C ILE B 193 9.88 -26.41 -1.96
N HIS B 194 10.33 -26.60 -3.20
CA HIS B 194 11.75 -26.84 -3.53
C HIS B 194 12.16 -25.91 -4.68
N SER B 195 13.46 -25.92 -5.00
CA SER B 195 13.95 -25.38 -6.26
C SER B 195 15.16 -26.23 -6.65
N TYR B 196 15.59 -26.18 -7.91
CA TYR B 196 14.94 -25.44 -8.97
C TYR B 196 14.65 -26.44 -10.10
N SER B 197 13.95 -26.01 -11.15
CA SER B 197 13.58 -26.88 -12.28
C SER B 197 12.34 -26.32 -12.95
N GLN B 198 11.56 -25.55 -12.20
CA GLN B 198 10.27 -25.06 -12.66
C GLN B 198 9.36 -26.23 -13.02
N MET B 199 8.86 -26.92 -11.99
CA MET B 199 8.04 -28.11 -12.20
C MET B 199 7.01 -28.27 -11.09
N ILE B 200 5.90 -28.90 -11.42
CA ILE B 200 4.96 -29.36 -10.41
C ILE B 200 4.86 -30.87 -10.52
N LEU B 201 5.33 -31.56 -9.48
CA LEU B 201 5.39 -33.01 -9.51
C LEU B 201 4.38 -33.59 -8.52
N TYR B 202 3.81 -34.74 -8.86
CA TYR B 202 2.96 -35.50 -7.96
C TYR B 202 3.42 -36.95 -7.94
N PRO B 203 2.93 -37.76 -6.97
CA PRO B 203 3.42 -39.14 -6.84
C PRO B 203 3.25 -39.91 -8.15
N TYR B 204 4.09 -40.92 -8.40
CA TYR B 204 5.05 -41.43 -7.43
C TYR B 204 6.49 -41.23 -7.89
N SER B 205 7.38 -41.01 -6.91
CA SER B 205 8.81 -40.92 -7.19
C SER B 205 9.54 -42.20 -6.83
N TYR B 206 9.07 -42.93 -5.82
CA TYR B 206 9.79 -44.11 -5.34
C TYR B 206 9.52 -45.36 -6.16
N ASP B 207 8.55 -45.28 -7.05
CA ASP B 207 8.25 -46.37 -7.96
C ASP B 207 7.48 -45.84 -9.16
N TYR B 208 7.52 -46.59 -10.27
CA TYR B 208 6.90 -46.15 -11.51
C TYR B 208 5.39 -46.32 -11.50
N LYS B 209 4.84 -46.82 -10.41
CA LYS B 209 3.39 -46.90 -10.27
C LYS B 209 2.75 -45.53 -10.26
N LEU B 210 1.47 -45.51 -10.60
CA LEU B 210 0.73 -44.25 -10.67
C LEU B 210 -0.31 -44.19 -9.57
N PRO B 211 -0.53 -42.99 -9.01
CA PRO B 211 -1.59 -42.83 -8.01
C PRO B 211 -2.96 -43.12 -8.60
N GLU B 212 -3.90 -43.54 -7.76
CA GLU B 212 -5.23 -43.91 -8.24
C GLU B 212 -5.95 -42.73 -8.89
N ASN B 213 -5.71 -41.52 -8.39
CA ASN B 213 -6.27 -40.32 -9.00
C ASN B 213 -5.26 -39.61 -9.93
N ASN B 214 -4.46 -40.41 -10.62
CA ASN B 214 -3.44 -39.90 -11.53
C ASN B 214 -3.99 -38.89 -12.53
N ALA B 215 -5.12 -39.24 -13.14
CA ALA B 215 -5.74 -38.36 -14.13
C ALA B 215 -6.07 -37.02 -13.49
N GLU B 216 -6.68 -37.08 -12.31
CA GLU B 216 -7.06 -35.89 -11.58
C GLU B 216 -5.84 -35.00 -11.32
N LEU B 217 -4.78 -35.60 -10.78
CA LEU B 217 -3.61 -34.81 -10.40
C LEU B 217 -2.93 -34.20 -11.60
N ASN B 218 -2.92 -34.93 -12.72
CA ASN B 218 -2.23 -34.44 -13.90
C ASN B 218 -2.89 -33.16 -14.40
N ASN B 219 -4.21 -33.18 -14.52
CA ASN B 219 -4.91 -32.01 -15.02
C ASN B 219 -4.92 -30.85 -14.03
N LEU B 220 -4.95 -31.14 -12.73
CA LEU B 220 -4.84 -30.08 -11.73
C LEU B 220 -3.49 -29.37 -11.83
N ALA B 221 -2.42 -30.16 -11.87
CA ALA B 221 -1.09 -29.62 -12.07
C ALA B 221 -0.98 -28.89 -13.41
N LYS B 222 -1.54 -29.51 -14.45
CA LYS B 222 -1.57 -28.92 -15.78
C LYS B 222 -2.22 -27.53 -15.75
N ALA B 223 -3.35 -27.45 -15.06
CA ALA B 223 -4.08 -26.19 -14.96
C ALA B 223 -3.30 -25.16 -14.14
N ALA B 224 -2.64 -25.62 -13.09
CA ALA B 224 -1.93 -24.70 -12.19
C ALA B 224 -0.69 -24.11 -12.86
N VAL B 225 -0.03 -24.95 -13.64
CA VAL B 225 1.13 -24.53 -14.41
C VAL B 225 0.73 -23.45 -15.41
N LYS B 226 -0.47 -23.59 -15.96
CA LYS B 226 -0.99 -22.59 -16.89
C LYS B 226 -1.30 -21.29 -16.17
N GLU B 227 -1.90 -21.41 -14.99
CA GLU B 227 -2.23 -20.24 -14.19
C GLU B 227 -0.96 -19.47 -13.81
N LEU B 228 0.09 -20.22 -13.51
CA LEU B 228 1.36 -19.64 -13.10
C LEU B 228 1.94 -18.76 -14.22
N ALA B 229 1.89 -19.30 -15.43
CA ALA B 229 2.47 -18.64 -16.60
C ALA B 229 1.74 -17.36 -17.03
N THR B 230 0.57 -17.10 -16.47
CA THR B 230 -0.24 -15.96 -16.91
C THR B 230 0.33 -14.64 -16.45
N LEU B 231 1.29 -14.68 -15.53
CA LEU B 231 1.82 -13.45 -14.96
C LEU B 231 3.05 -12.96 -15.72
N TYR B 232 3.99 -13.85 -16.01
CA TYR B 232 5.24 -13.46 -16.67
C TYR B 232 5.65 -14.39 -17.79
N GLY B 233 4.81 -15.38 -18.10
CA GLY B 233 5.16 -16.34 -19.13
C GLY B 233 6.12 -17.44 -18.68
N THR B 234 6.37 -17.55 -17.39
CA THR B 234 7.31 -18.57 -16.91
C THR B 234 6.75 -19.96 -17.18
N LYS B 235 7.55 -20.83 -17.79
CA LYS B 235 7.07 -22.14 -18.20
C LYS B 235 7.49 -23.26 -17.25
N TYR B 236 6.48 -23.95 -16.71
CA TYR B 236 6.69 -25.10 -15.83
C TYR B 236 6.31 -26.37 -16.57
N THR B 237 7.07 -27.44 -16.33
CA THR B 237 6.63 -28.78 -16.71
C THR B 237 6.04 -29.48 -15.49
N TYR B 238 5.37 -30.61 -15.71
CA TYR B 238 4.65 -31.28 -14.64
C TYR B 238 4.44 -32.76 -14.97
N GLY B 239 4.20 -33.55 -13.94
CA GLY B 239 3.94 -34.96 -14.12
C GLY B 239 4.35 -35.79 -12.92
N PRO B 240 4.26 -37.12 -13.01
CA PRO B 240 4.68 -38.03 -11.95
C PRO B 240 6.19 -37.91 -11.72
N GLY B 241 6.59 -37.91 -10.45
CA GLY B 241 7.98 -37.68 -10.10
C GLY B 241 8.96 -38.61 -10.80
N ALA B 242 8.68 -39.91 -10.78
CA ALA B 242 9.64 -40.90 -11.27
C ALA B 242 10.02 -40.66 -12.72
N THR B 243 9.04 -40.34 -13.56
CA THR B 243 9.26 -40.21 -15.00
C THR B 243 9.49 -38.76 -15.43
N THR B 244 9.17 -37.80 -14.57
CA THR B 244 9.30 -36.41 -14.94
C THR B 244 10.64 -35.81 -14.50
N ILE B 245 11.29 -36.40 -13.51
CA ILE B 245 12.60 -35.91 -13.09
C ILE B 245 13.57 -37.07 -12.85
N TYR B 246 13.21 -37.96 -11.94
CA TYR B 246 13.94 -39.21 -11.72
C TYR B 246 13.33 -39.95 -10.55
N PRO B 247 13.53 -41.27 -10.50
CA PRO B 247 13.07 -42.03 -9.32
C PRO B 247 13.84 -41.59 -8.08
N ALA B 248 13.12 -41.45 -6.97
CA ALA B 248 13.73 -40.99 -5.73
C ALA B 248 12.87 -41.41 -4.55
N ALA B 249 13.28 -42.48 -3.89
CA ALA B 249 12.51 -43.05 -2.79
C ALA B 249 12.60 -42.18 -1.54
N GLY B 250 11.58 -42.28 -0.69
CA GLY B 250 11.61 -41.63 0.60
C GLY B 250 11.29 -40.14 0.57
N GLY B 251 10.60 -39.68 -0.46
CA GLY B 251 10.19 -38.28 -0.50
C GLY B 251 8.93 -38.04 0.32
N SER B 252 8.80 -36.84 0.88
CA SER B 252 7.68 -36.54 1.78
C SER B 252 6.35 -36.52 1.03
N ASP B 253 6.39 -36.08 -0.22
CA ASP B 253 5.18 -36.01 -1.02
C ASP B 253 4.57 -37.39 -1.24
N ASP B 254 5.40 -38.37 -1.58
CA ASP B 254 4.92 -39.74 -1.75
C ASP B 254 4.39 -40.26 -0.42
N TRP B 255 5.13 -40.01 0.65
CA TRP B 255 4.70 -40.47 1.97
C TRP B 255 3.35 -39.89 2.33
N ALA B 256 3.20 -38.57 2.23
CA ALA B 256 1.95 -37.90 2.55
C ALA B 256 0.82 -38.54 1.75
N TYR B 257 1.03 -38.69 0.44
CA TYR B 257 0.03 -39.30 -0.41
C TYR B 257 -0.36 -40.68 0.14
N ASP B 258 0.62 -41.48 0.54
CA ASP B 258 0.35 -42.83 1.04
C ASP B 258 -0.35 -42.85 2.40
N GLN B 259 -0.45 -41.68 3.03
CA GLN B 259 -1.20 -41.57 4.28
C GLN B 259 -2.66 -41.30 3.99
N GLY B 260 -2.96 -41.00 2.73
CA GLY B 260 -4.34 -40.76 2.34
C GLY B 260 -4.61 -39.33 1.91
N ILE B 261 -3.56 -38.51 1.87
CA ILE B 261 -3.72 -37.13 1.43
C ILE B 261 -3.67 -37.08 -0.09
N LYS B 262 -4.84 -36.96 -0.72
CA LYS B 262 -4.99 -37.24 -2.14
C LYS B 262 -4.41 -36.15 -3.05
N TYR B 263 -4.19 -34.96 -2.50
CA TYR B 263 -3.58 -33.90 -3.27
C TYR B 263 -2.20 -33.58 -2.71
N SER B 264 -1.17 -34.04 -3.42
CA SER B 264 0.18 -33.97 -2.93
C SER B 264 1.12 -33.57 -4.06
N PHE B 265 1.74 -32.40 -3.92
CA PHE B 265 2.58 -31.85 -4.98
C PHE B 265 3.93 -31.35 -4.46
N THR B 266 4.96 -31.58 -5.25
CA THR B 266 6.26 -30.96 -5.05
C THR B 266 6.44 -29.81 -6.04
N PHE B 267 6.67 -28.61 -5.52
CA PHE B 267 6.96 -27.47 -6.39
C PHE B 267 8.45 -27.24 -6.51
N GLU B 268 8.92 -27.20 -7.76
CA GLU B 268 10.28 -26.79 -8.05
C GLU B 268 10.21 -25.42 -8.69
N LEU B 269 10.77 -24.41 -8.01
CA LEU B 269 10.61 -23.04 -8.46
C LEU B 269 11.73 -22.68 -9.43
N ARG B 270 11.84 -21.40 -9.77
CA ARG B 270 12.86 -20.92 -10.70
C ARG B 270 14.26 -21.22 -10.19
N ASP B 271 15.24 -21.26 -11.08
CA ASP B 271 14.99 -21.19 -12.53
C ASP B 271 15.23 -22.54 -13.19
N LYS B 272 15.72 -22.54 -14.42
CA LYS B 272 16.05 -23.80 -15.07
C LYS B 272 17.54 -24.06 -15.15
N GLY B 273 18.33 -23.22 -14.50
CA GLY B 273 19.76 -23.48 -14.44
C GLY B 273 20.69 -22.30 -14.61
N ARG B 274 20.21 -21.20 -15.20
CA ARG B 274 21.08 -20.04 -15.40
C ARG B 274 21.73 -19.65 -14.08
N TYR B 275 20.91 -19.48 -13.04
CA TYR B 275 21.44 -19.21 -11.70
C TYR B 275 21.28 -20.43 -10.79
N GLY B 276 20.29 -21.27 -11.08
CA GLY B 276 20.08 -22.44 -10.25
C GLY B 276 19.75 -22.08 -8.81
N PHE B 277 20.44 -22.72 -7.86
CA PHE B 277 20.18 -22.48 -6.44
C PHE B 277 20.48 -21.05 -6.04
N ILE B 278 21.38 -20.40 -6.76
CA ILE B 278 21.80 -19.05 -6.39
C ILE B 278 20.95 -17.99 -7.10
N LEU B 279 19.63 -18.13 -6.97
CA LEU B 279 18.70 -17.23 -7.65
C LEU B 279 18.84 -15.81 -7.10
N PRO B 280 19.09 -14.84 -7.99
CA PRO B 280 19.24 -13.46 -7.50
C PRO B 280 18.01 -12.94 -6.76
N GLU B 281 18.24 -12.15 -5.72
CA GLU B 281 17.16 -11.62 -4.90
C GLU B 281 16.18 -10.81 -5.74
N SER B 282 16.65 -10.28 -6.86
CA SER B 282 15.82 -9.43 -7.71
C SER B 282 14.69 -10.24 -8.34
N GLN B 283 14.85 -11.56 -8.39
CA GLN B 283 13.81 -12.41 -8.93
C GLN B 283 12.86 -12.93 -7.84
N ILE B 284 13.19 -12.68 -6.58
CA ILE B 284 12.37 -13.18 -5.48
C ILE B 284 10.89 -12.82 -5.65
N GLN B 285 10.61 -11.54 -5.88
CA GLN B 285 9.23 -11.08 -5.95
C GLN B 285 8.43 -11.74 -7.07
N ALA B 286 8.94 -11.67 -8.29
CA ALA B 286 8.25 -12.26 -9.44
C ALA B 286 8.09 -13.76 -9.27
N THR B 287 9.13 -14.41 -8.76
CA THR B 287 9.06 -15.85 -8.57
C THR B 287 7.92 -16.19 -7.62
N CYS B 288 7.82 -15.43 -6.53
CA CYS B 288 6.83 -15.68 -5.48
C CYS B 288 5.41 -15.35 -5.93
N GLU B 289 5.24 -14.27 -6.69
CA GLU B 289 3.93 -13.86 -7.16
C GLU B 289 3.34 -14.88 -8.13
N GLU B 290 4.14 -15.35 -9.07
CA GLU B 290 3.66 -16.34 -10.02
C GLU B 290 3.36 -17.66 -9.29
N THR B 291 4.17 -17.99 -8.29
CA THR B 291 3.95 -19.24 -7.56
C THR B 291 2.64 -19.17 -6.77
N MET B 292 2.37 -18.02 -6.17
CA MET B 292 1.14 -17.80 -5.42
C MET B 292 -0.09 -18.19 -6.22
N LEU B 293 -0.05 -17.96 -7.53
CA LEU B 293 -1.21 -18.19 -8.38
C LEU B 293 -1.44 -19.68 -8.58
N ALA B 294 -0.36 -20.44 -8.70
CA ALA B 294 -0.46 -21.90 -8.78
C ALA B 294 -0.95 -22.45 -7.45
N ILE B 295 -0.45 -21.88 -6.35
CA ILE B 295 -0.82 -22.36 -5.02
C ILE B 295 -2.30 -22.05 -4.74
N LYS B 296 -2.71 -20.84 -5.06
CA LYS B 296 -4.11 -20.45 -4.91
C LYS B 296 -5.04 -21.26 -5.82
N TYR B 297 -4.56 -21.60 -7.01
CA TYR B 297 -5.36 -22.42 -7.93
C TYR B 297 -5.60 -23.81 -7.34
N VAL B 298 -4.55 -24.42 -6.79
CA VAL B 298 -4.67 -25.73 -6.16
C VAL B 298 -5.55 -25.64 -4.92
N THR B 299 -5.34 -24.59 -4.14
CA THR B 299 -6.15 -24.40 -2.94
C THR B 299 -7.63 -24.30 -3.29
N ASN B 300 -7.95 -23.53 -4.32
CA ASN B 300 -9.34 -23.40 -4.74
C ASN B 300 -9.93 -24.74 -5.12
N TYR B 301 -9.19 -25.51 -5.91
CA TYR B 301 -9.65 -26.82 -6.37
C TYR B 301 -9.93 -27.74 -5.18
N VAL B 302 -9.05 -27.70 -4.20
CA VAL B 302 -9.19 -28.55 -3.01
C VAL B 302 -10.41 -28.14 -2.18
N LEU B 303 -10.59 -26.85 -1.99
CA LEU B 303 -11.75 -26.34 -1.25
C LEU B 303 -13.04 -26.88 -1.85
N GLY B 304 -13.12 -26.87 -3.17
CA GLY B 304 -14.33 -27.28 -3.85
C GLY B 304 -14.42 -28.77 -4.07
N HIS B 305 -13.52 -29.52 -3.45
CA HIS B 305 -13.58 -30.97 -3.52
C HIS B 305 -13.54 -31.62 -2.15
N LEU B 306 -13.95 -30.87 -1.13
CA LEU B 306 -14.09 -31.43 0.20
C LEU B 306 -15.45 -32.09 0.30
N GLY C 3 -13.99 27.70 8.13
CA GLY C 3 -13.72 26.34 7.56
C GLY C 3 -12.28 25.90 7.78
N HIS C 4 -12.10 24.58 7.92
CA HIS C 4 -10.77 24.01 8.12
C HIS C 4 -10.16 23.55 6.80
N SER C 5 -8.85 23.77 6.66
CA SER C 5 -8.15 23.28 5.48
C SER C 5 -6.77 22.74 5.84
N TYR C 6 -6.47 21.54 5.35
CA TYR C 6 -5.17 20.92 5.56
C TYR C 6 -4.11 21.65 4.74
N GLU C 7 -4.58 22.56 3.88
CA GLU C 7 -3.69 23.34 3.02
C GLU C 7 -3.70 24.82 3.40
N LYS C 8 -4.32 25.13 4.53
CA LYS C 8 -4.28 26.47 5.09
C LYS C 8 -3.92 26.43 6.57
N TYR C 9 -3.49 27.55 7.11
CA TYR C 9 -3.31 27.66 8.56
C TYR C 9 -4.65 27.94 9.23
N ASN C 10 -4.99 27.09 10.20
CA ASN C 10 -6.25 27.21 10.91
C ASN C 10 -6.00 27.76 12.32
N ASN C 11 -6.89 28.65 12.77
CA ASN C 11 -6.80 29.15 14.14
C ASN C 11 -7.17 28.04 15.13
N TRP C 12 -6.94 28.26 16.42
CA TRP C 12 -7.19 27.23 17.42
C TRP C 12 -8.64 26.77 17.41
N GLU C 13 -9.56 27.72 17.29
CA GLU C 13 -10.98 27.41 17.24
C GLU C 13 -11.26 26.35 16.17
N THR C 14 -10.62 26.49 15.02
CA THR C 14 -10.84 25.58 13.91
C THR C 14 -10.07 24.27 14.10
N ILE C 15 -8.86 24.34 14.62
CA ILE C 15 -8.10 23.12 14.92
C ILE C 15 -8.84 22.30 15.96
N GLU C 16 -9.43 22.98 16.94
CA GLU C 16 -10.15 22.31 18.03
C GLU C 16 -11.35 21.53 17.48
N ALA C 17 -12.17 22.23 16.71
CA ALA C 17 -13.31 21.61 16.04
C ALA C 17 -12.83 20.45 15.18
N TRP C 18 -11.73 20.65 14.47
CA TRP C 18 -11.16 19.60 13.63
C TRP C 18 -10.82 18.33 14.41
N THR C 19 -10.20 18.48 15.58
CA THR C 19 -9.78 17.32 16.37
C THR C 19 -10.98 16.46 16.73
N LYS C 20 -12.10 17.12 17.01
CA LYS C 20 -13.35 16.41 17.28
C LYS C 20 -13.91 15.77 16.01
N GLN C 21 -13.90 16.52 14.90
CA GLN C 21 -14.56 16.06 13.69
C GLN C 21 -13.79 14.91 13.03
N VAL C 22 -12.47 14.96 13.07
CA VAL C 22 -11.64 13.93 12.45
C VAL C 22 -11.72 12.63 13.26
N THR C 23 -11.94 12.78 14.56
CA THR C 23 -12.09 11.65 15.46
C THR C 23 -13.44 10.99 15.24
N SER C 24 -14.47 11.80 15.12
CA SER C 24 -15.84 11.31 14.94
C SER C 24 -16.01 10.61 13.59
N GLU C 25 -15.22 11.06 12.61
CA GLU C 25 -15.29 10.48 11.28
C GLU C 25 -14.48 9.19 11.19
N ASN C 26 -13.56 8.99 12.12
CA ASN C 26 -12.70 7.82 12.09
C ASN C 26 -12.67 7.13 13.45
N PRO C 27 -13.85 6.70 13.93
CA PRO C 27 -13.98 6.17 15.29
C PRO C 27 -13.10 4.96 15.55
N ASP C 28 -12.76 4.24 14.48
CA ASP C 28 -12.01 3.00 14.58
C ASP C 28 -10.50 3.19 14.65
N LEU C 29 -10.05 4.32 14.13
CA LEU C 29 -8.62 4.56 14.02
C LEU C 29 -8.17 5.71 14.93
N ILE C 30 -9.11 6.54 15.37
CA ILE C 30 -8.77 7.69 16.20
C ILE C 30 -9.66 7.83 17.42
N SER C 31 -9.02 7.98 18.58
CA SER C 31 -9.70 8.46 19.78
C SER C 31 -8.99 9.70 20.30
N ARG C 32 -9.74 10.60 20.91
CA ARG C 32 -9.19 11.85 21.37
C ARG C 32 -9.40 12.04 22.87
N THR C 33 -8.39 12.59 23.53
CA THR C 33 -8.47 12.86 24.96
C THR C 33 -7.87 14.23 25.27
N ALA C 34 -8.13 14.73 26.47
CA ALA C 34 -7.41 15.89 26.99
C ALA C 34 -6.44 15.45 28.08
N ILE C 35 -5.21 15.92 28.01
CA ILE C 35 -4.21 15.51 28.99
C ILE C 35 -3.92 16.64 29.97
N GLY C 36 -4.77 17.65 29.94
CA GLY C 36 -4.64 18.80 30.82
C GLY C 36 -5.19 20.07 30.20
N THR C 37 -5.15 21.15 30.94
CA THR C 37 -5.57 22.45 30.43
C THR C 37 -4.39 23.40 30.46
N THR C 38 -4.49 24.47 29.67
CA THR C 38 -3.43 25.47 29.61
C THR C 38 -3.60 26.51 30.71
N PHE C 39 -2.62 27.39 30.82
CA PHE C 39 -2.68 28.50 31.78
C PHE C 39 -3.98 29.27 31.61
N LEU C 40 -4.43 29.44 30.37
CA LEU C 40 -5.65 30.17 30.10
C LEU C 40 -6.85 29.24 29.93
N GLY C 41 -6.71 28.00 30.41
CA GLY C 41 -7.86 27.11 30.47
C GLY C 41 -8.32 26.52 29.15
N ASN C 42 -7.44 26.47 28.16
CA ASN C 42 -7.74 25.79 26.90
C ASN C 42 -7.44 24.28 27.04
N ASN C 43 -8.13 23.47 26.24
CA ASN C 43 -8.02 22.02 26.33
C ASN C 43 -6.83 21.49 25.52
N ILE C 44 -5.93 20.80 26.20
CA ILE C 44 -4.76 20.23 25.55
C ILE C 44 -5.09 18.85 25.01
N TYR C 45 -5.44 18.79 23.73
CA TYR C 45 -5.90 17.54 23.12
C TYR C 45 -4.74 16.64 22.71
N LEU C 46 -4.96 15.33 22.83
CA LEU C 46 -4.05 14.35 22.29
C LEU C 46 -4.87 13.34 21.49
N LEU C 47 -4.43 13.08 20.26
CA LEU C 47 -5.11 12.11 19.42
C LEU C 47 -4.33 10.79 19.40
N LYS C 48 -5.03 9.68 19.63
CA LYS C 48 -4.41 8.36 19.54
C LYS C 48 -4.74 7.71 18.19
N VAL C 49 -3.73 7.56 17.33
CA VAL C 49 -3.96 7.10 15.96
C VAL C 49 -3.46 5.67 15.80
N GLY C 50 -4.37 4.78 15.43
CA GLY C 50 -4.03 3.39 15.25
C GLY C 50 -5.22 2.48 15.52
N LYS C 51 -5.16 1.27 14.96
CA LYS C 51 -6.17 0.25 15.23
C LYS C 51 -5.97 -0.24 16.65
N PRO C 52 -7.05 -0.29 17.45
CA PRO C 52 -6.98 -0.77 18.83
C PRO C 52 -6.42 -2.19 18.91
N GLY C 53 -5.49 -2.40 19.84
CA GLY C 53 -4.89 -3.72 19.99
C GLY C 53 -4.23 -3.90 21.35
N PRO C 54 -3.84 -5.14 21.68
CA PRO C 54 -3.17 -5.47 22.94
C PRO C 54 -1.67 -5.11 22.97
N ASN C 55 -1.28 -4.32 23.95
CA ASN C 55 0.14 -4.08 24.23
C ASN C 55 0.94 -3.62 23.02
N LYS C 56 0.31 -2.75 22.23
CA LYS C 56 0.93 -2.18 21.05
C LYS C 56 1.97 -1.14 21.44
N PRO C 57 3.12 -1.13 20.75
CA PRO C 57 4.11 -0.06 20.88
C PRO C 57 3.53 1.23 20.31
N ALA C 58 4.18 2.36 20.60
CA ALA C 58 3.66 3.64 20.16
C ALA C 58 4.77 4.67 19.92
N ILE C 59 4.46 5.65 19.09
CA ILE C 59 5.35 6.79 18.88
C ILE C 59 4.63 8.10 19.23
N PHE C 60 5.29 8.93 20.03
CA PHE C 60 4.71 10.19 20.47
C PHE C 60 5.23 11.33 19.61
N MET C 61 4.30 12.17 19.16
CA MET C 61 4.65 13.33 18.35
C MET C 61 3.80 14.52 18.79
N ASP C 62 4.46 15.65 19.03
CA ASP C 62 3.74 16.89 19.31
C ASP C 62 4.13 17.98 18.33
N CYS C 63 3.22 18.92 18.12
CA CYS C 63 3.52 20.11 17.35
C CYS C 63 3.16 21.33 18.19
N GLY C 64 3.66 22.50 17.79
CA GLY C 64 3.16 23.73 18.36
C GLY C 64 3.68 24.05 19.74
N PHE C 65 4.90 23.61 20.03
CA PHE C 65 5.59 24.02 21.25
C PHE C 65 5.73 25.53 21.22
N HIS C 66 6.10 26.04 20.06
CA HIS C 66 6.37 27.45 19.88
C HIS C 66 5.31 28.09 18.98
N ALA C 67 4.72 29.16 19.49
CA ALA C 67 3.47 29.67 18.93
C ALA C 67 3.61 30.10 17.47
N ARG C 68 4.72 30.73 17.11
CA ARG C 68 4.85 31.33 15.79
C ARG C 68 5.28 30.33 14.70
N GLU C 69 5.56 29.09 15.07
CA GLU C 69 5.95 28.07 14.09
C GLU C 69 4.75 27.37 13.45
N TRP C 70 3.96 28.14 12.70
CA TRP C 70 2.66 27.68 12.23
C TRP C 70 2.71 26.42 11.38
N ILE C 71 3.77 26.24 10.60
CA ILE C 71 3.90 25.03 9.76
C ILE C 71 3.90 23.78 10.64
N SER C 72 4.41 23.94 11.85
CA SER C 72 4.44 22.84 12.81
C SER C 72 3.04 22.33 13.11
N HIS C 73 2.17 23.24 13.53
CA HIS C 73 0.77 22.90 13.82
C HIS C 73 0.10 22.31 12.59
N ALA C 74 0.47 22.81 11.42
CA ALA C 74 -0.15 22.36 10.18
C ALA C 74 0.25 20.92 9.87
N PHE C 75 1.47 20.55 10.23
CA PHE C 75 1.93 19.20 9.95
C PHE C 75 1.21 18.12 10.76
N CYS C 76 0.97 18.37 12.05
CA CYS C 76 0.30 17.37 12.88
C CYS C 76 -1.08 17.04 12.31
N GLN C 77 -1.83 18.07 11.91
CA GLN C 77 -3.14 17.85 11.31
C GLN C 77 -3.02 17.06 10.02
N TRP C 78 -2.04 17.45 9.21
CA TRP C 78 -1.78 16.78 7.95
C TRP C 78 -1.42 15.32 8.18
N PHE C 79 -0.58 15.08 9.18
CA PHE C 79 -0.15 13.73 9.49
C PHE C 79 -1.34 12.82 9.79
N VAL C 80 -2.21 13.27 10.69
CA VAL C 80 -3.36 12.47 11.09
C VAL C 80 -4.27 12.22 9.90
N ARG C 81 -4.29 13.17 8.97
CA ARG C 81 -5.10 13.06 7.76
C ARG C 81 -4.58 11.96 6.83
N GLU C 82 -3.26 11.88 6.67
CA GLU C 82 -2.66 10.86 5.82
C GLU C 82 -2.84 9.49 6.45
N ALA C 83 -2.61 9.44 7.76
CA ALA C 83 -2.73 8.21 8.51
C ALA C 83 -4.08 7.57 8.24
N VAL C 84 -5.15 8.29 8.52
CA VAL C 84 -6.49 7.77 8.32
C VAL C 84 -6.71 7.39 6.86
N LEU C 85 -6.22 8.23 5.96
CA LEU C 85 -6.49 8.07 4.54
C LEU C 85 -5.77 6.87 3.93
N THR C 86 -4.47 6.75 4.17
CA THR C 86 -3.70 5.65 3.59
C THR C 86 -3.94 4.33 4.32
N TYR C 87 -4.84 4.33 5.30
CA TYR C 87 -5.10 3.13 6.08
C TYR C 87 -5.92 2.12 5.28
N GLY C 88 -5.27 1.03 4.92
CA GLY C 88 -5.87 0.06 4.02
C GLY C 88 -5.61 0.40 2.57
N TYR C 89 -4.99 1.56 2.34
CA TYR C 89 -4.73 2.04 0.99
C TYR C 89 -3.24 2.25 0.75
N GLU C 90 -2.42 1.95 1.75
CA GLU C 90 -0.98 2.02 1.60
C GLU C 90 -0.29 0.91 2.41
N SER C 91 0.78 0.34 1.84
CA SER C 91 1.43 -0.82 2.43
C SER C 91 1.93 -0.52 3.84
N HIS C 92 2.77 0.49 3.94
CA HIS C 92 3.49 0.77 5.18
C HIS C 92 2.56 1.31 6.27
N MET C 93 1.79 2.33 5.95
CA MET C 93 0.92 2.95 6.94
C MET C 93 -0.12 1.95 7.46
N THR C 94 -0.54 1.02 6.62
CA THR C 94 -1.44 -0.05 7.04
C THR C 94 -0.72 -0.92 8.06
N GLU C 95 0.55 -1.22 7.78
CA GLU C 95 1.39 -1.95 8.73
C GLU C 95 1.67 -1.09 9.95
N PHE C 96 1.69 0.23 9.74
CA PHE C 96 2.06 1.16 10.80
C PHE C 96 0.98 1.29 11.88
N LEU C 97 -0.28 1.36 11.47
CA LEU C 97 -1.37 1.55 12.42
C LEU C 97 -1.87 0.25 13.04
N ASN C 98 -1.53 -0.86 12.41
CA ASN C 98 -1.88 -2.17 12.94
C ASN C 98 -0.85 -2.64 13.96
N LYS C 99 0.39 -2.19 13.79
CA LYS C 99 1.48 -2.62 14.65
C LYS C 99 1.69 -1.68 15.84
N LEU C 100 1.55 -0.38 15.60
CA LEU C 100 1.76 0.60 16.67
C LEU C 100 0.72 1.72 16.67
N ASP C 101 0.67 2.43 17.79
CA ASP C 101 -0.17 3.63 17.91
C ASP C 101 0.67 4.88 17.80
N PHE C 102 0.10 5.91 17.18
CA PHE C 102 0.69 7.24 17.22
C PHE C 102 -0.09 8.11 18.21
N TYR C 103 0.64 8.75 19.12
CA TYR C 103 0.06 9.79 19.95
C TYR C 103 0.42 11.14 19.35
N VAL C 104 -0.56 11.80 18.75
CA VAL C 104 -0.33 13.09 18.14
C VAL C 104 -0.89 14.19 19.04
N LEU C 105 0.00 15.05 19.53
CA LEU C 105 -0.43 16.25 20.23
C LEU C 105 -0.34 17.41 19.24
N PRO C 106 -1.49 17.77 18.65
CA PRO C 106 -1.52 18.72 17.52
C PRO C 106 -1.00 20.11 17.89
N VAL C 107 -1.44 20.62 19.04
CA VAL C 107 -0.93 21.89 19.54
C VAL C 107 -0.69 21.82 21.03
N LEU C 108 0.56 22.06 21.44
CA LEU C 108 0.91 22.03 22.84
C LEU C 108 0.73 23.40 23.50
N ASN C 109 1.39 24.42 22.96
CA ASN C 109 1.30 25.76 23.52
C ASN C 109 0.15 26.53 22.88
N ILE C 110 -1.06 26.13 23.26
CA ILE C 110 -2.29 26.67 22.67
C ILE C 110 -2.47 28.16 22.99
N ASP C 111 -2.16 28.55 24.22
CA ASP C 111 -2.31 29.93 24.63
C ASP C 111 -1.46 30.82 23.73
N GLY C 112 -0.20 30.46 23.57
CA GLY C 112 0.69 31.22 22.71
C GLY C 112 0.15 31.31 21.29
N TYR C 113 -0.41 30.20 20.81
CA TYR C 113 -0.81 30.12 19.41
C TYR C 113 -1.96 31.07 19.08
N ILE C 114 -2.97 31.07 19.93
CA ILE C 114 -4.07 32.02 19.79
C ILE C 114 -3.54 33.46 19.79
N TYR C 115 -2.50 33.70 20.58
CA TYR C 115 -1.93 35.03 20.70
C TYR C 115 -1.24 35.50 19.41
N THR C 116 -0.66 34.56 18.67
CA THR C 116 -0.04 34.89 17.39
C THR C 116 -1.10 35.24 16.35
N TRP C 117 -2.31 34.76 16.58
CA TRP C 117 -3.44 35.07 15.70
C TRP C 117 -4.13 36.38 16.09
N THR C 118 -4.06 36.75 17.36
CA THR C 118 -4.81 37.92 17.83
C THR C 118 -3.97 39.15 18.12
N LYS C 119 -2.70 38.97 18.49
CA LYS C 119 -1.89 40.11 18.91
C LYS C 119 -0.54 40.19 18.20
N ASN C 120 0.21 39.11 18.26
CA ASN C 120 1.61 39.15 17.91
C ASN C 120 2.00 37.88 17.19
N ARG C 121 2.17 38.00 15.87
CA ARG C 121 2.45 36.87 15.00
C ARG C 121 3.76 36.21 15.37
N MET C 122 4.63 36.95 16.05
CA MET C 122 5.97 36.47 16.38
C MET C 122 6.11 35.93 17.80
N TRP C 123 5.00 35.74 18.52
CA TRP C 123 5.09 35.19 19.88
C TRP C 123 5.62 33.76 19.86
N ARG C 124 6.43 33.45 20.87
CA ARG C 124 7.06 32.14 20.99
C ARG C 124 6.56 31.37 22.21
N LYS C 125 6.62 32.02 23.36
CA LYS C 125 6.44 31.34 24.64
C LYS C 125 4.96 31.09 24.98
N THR C 126 4.73 30.63 26.20
CA THR C 126 3.39 30.51 26.72
C THR C 126 2.90 31.91 27.10
N ARG C 127 1.69 31.99 27.67
CA ARG C 127 1.14 33.28 28.06
C ARG C 127 0.98 33.38 29.58
N SER C 128 1.68 32.52 30.32
CA SER C 128 1.58 32.52 31.78
C SER C 128 2.28 33.73 32.37
N THR C 129 1.78 34.20 33.51
CA THR C 129 2.35 35.37 34.17
C THR C 129 3.56 35.00 35.02
N ASN C 130 4.41 35.99 35.30
CA ASN C 130 5.57 35.79 36.15
C ASN C 130 5.62 36.84 37.26
N ALA C 131 5.98 36.40 38.46
CA ALA C 131 5.96 37.26 39.64
C ALA C 131 6.95 38.41 39.54
N GLY C 132 6.54 39.58 40.05
CA GLY C 132 7.46 40.70 40.16
C GLY C 132 7.79 41.35 38.85
N THR C 133 7.14 40.92 37.77
CA THR C 133 7.35 41.52 36.47
C THR C 133 6.12 41.47 35.57
N THR C 134 6.14 42.32 34.54
CA THR C 134 5.08 42.38 33.55
C THR C 134 5.38 41.44 32.39
N CYS C 135 6.63 40.96 32.35
CA CYS C 135 7.02 40.05 31.30
C CYS C 135 6.28 38.73 31.37
N ILE C 136 5.76 38.31 30.22
CA ILE C 136 4.88 37.16 30.14
C ILE C 136 5.56 35.96 29.48
N GLY C 137 5.25 34.77 29.99
CA GLY C 137 5.54 33.57 29.23
C GLY C 137 6.83 32.84 29.55
N THR C 138 6.80 31.54 29.35
CA THR C 138 7.95 30.68 29.53
C THR C 138 8.17 29.93 28.22
N ASP C 139 9.42 29.76 27.83
CA ASP C 139 9.71 28.92 26.68
C ASP C 139 9.49 27.47 27.09
N PRO C 140 8.47 26.83 26.51
CA PRO C 140 8.10 25.46 26.90
C PRO C 140 9.22 24.48 26.63
N ASN C 141 10.07 24.79 25.65
CA ASN C 141 11.14 23.88 25.30
C ASN C 141 12.43 24.21 26.07
N ARG C 142 12.33 25.08 27.07
CA ARG C 142 13.40 25.23 28.05
C ARG C 142 12.87 24.90 29.44
N ASN C 143 11.70 24.28 29.49
CA ASN C 143 10.99 24.09 30.75
C ASN C 143 11.07 22.67 31.29
N PHE C 144 11.84 21.81 30.61
CA PHE C 144 11.93 20.40 31.00
C PHE C 144 13.15 20.11 31.85
N ASP C 145 13.04 19.07 32.66
CA ASP C 145 14.13 18.69 33.56
C ASP C 145 15.21 17.92 32.82
N ALA C 146 15.87 18.60 31.90
CA ALA C 146 17.04 18.06 31.20
C ALA C 146 18.11 19.12 31.18
N GLY C 147 19.03 19.09 32.13
CA GLY C 147 19.99 20.16 32.26
C GLY C 147 19.28 21.49 32.47
N TRP C 148 18.19 21.47 33.23
CA TRP C 148 17.28 22.60 33.31
C TRP C 148 17.98 23.92 33.59
N CYS C 149 17.67 24.90 32.74
CA CYS C 149 18.14 26.27 32.88
C CYS C 149 19.65 26.49 32.89
N THR C 150 20.38 25.61 32.23
CA THR C 150 21.80 25.86 31.98
C THR C 150 21.96 26.61 30.66
N THR C 151 23.05 26.35 29.94
CA THR C 151 23.36 27.13 28.75
C THR C 151 22.26 27.07 27.70
N GLY C 152 22.08 28.18 26.99
CA GLY C 152 21.05 28.25 25.98
C GLY C 152 19.69 28.66 26.51
N ALA C 153 19.56 28.73 27.83
CA ALA C 153 18.30 29.14 28.46
C ALA C 153 18.54 30.37 29.33
N SER C 154 17.48 31.12 29.58
CA SER C 154 17.58 32.31 30.42
C SER C 154 16.82 32.14 31.73
N THR C 155 17.29 32.80 32.78
CA THR C 155 16.56 32.86 34.03
C THR C 155 15.74 34.15 34.09
N ASP C 156 15.86 34.95 33.03
CA ASP C 156 15.12 36.20 32.94
C ASP C 156 13.78 35.96 32.24
N PRO C 157 12.68 36.21 32.96
CA PRO C 157 11.34 35.97 32.42
C PRO C 157 11.02 36.82 31.19
N CYS C 158 11.80 37.88 30.99
CA CYS C 158 11.61 38.74 29.82
C CYS C 158 12.27 38.20 28.56
N ASP C 159 12.99 37.08 28.67
CA ASP C 159 13.70 36.52 27.53
C ASP C 159 12.90 35.40 26.88
N GLU C 160 13.06 35.27 25.57
CA GLU C 160 12.26 34.32 24.80
C GLU C 160 12.67 32.89 25.09
N THR C 161 13.77 32.70 25.82
CA THR C 161 14.21 31.38 26.22
C THR C 161 14.11 31.16 27.73
N TYR C 162 13.24 31.93 28.38
CA TYR C 162 13.07 31.81 29.82
C TYR C 162 12.69 30.39 30.22
N CYS C 163 13.48 29.81 31.12
CA CYS C 163 13.30 28.41 31.48
C CYS C 163 12.15 28.20 32.44
N GLY C 164 11.58 29.28 32.95
CA GLY C 164 10.50 29.17 33.91
C GLY C 164 10.96 29.19 35.35
N SER C 165 10.01 29.22 36.28
CA SER C 165 10.33 29.32 37.69
C SER C 165 10.84 27.98 38.21
N ALA C 166 10.39 26.91 37.56
CA ALA C 166 10.87 25.57 37.88
C ALA C 166 10.67 24.68 36.66
N ALA C 167 11.41 23.60 36.56
CA ALA C 167 11.15 22.63 35.50
C ALA C 167 9.71 22.16 35.63
N GLU C 168 9.00 22.15 34.51
CA GLU C 168 7.58 21.78 34.48
C GLU C 168 6.72 22.76 35.26
N SER C 169 7.17 24.00 35.38
CA SER C 169 6.36 25.05 35.99
C SER C 169 5.11 25.34 35.15
N GLU C 170 5.16 25.02 33.86
CA GLU C 170 4.03 25.29 32.97
C GLU C 170 3.05 24.13 32.99
N LYS C 171 1.75 24.43 33.01
CA LYS C 171 0.75 23.38 32.98
C LYS C 171 0.90 22.52 31.73
N GLU C 172 1.19 23.17 30.60
CA GLU C 172 1.29 22.48 29.32
C GLU C 172 2.42 21.44 29.33
N THR C 173 3.60 21.85 29.77
CA THR C 173 4.73 20.96 29.80
C THR C 173 4.61 19.93 30.92
N LYS C 174 4.01 20.32 32.04
CA LYS C 174 3.69 19.38 33.10
C LYS C 174 2.71 18.31 32.60
N ALA C 175 1.71 18.73 31.85
CA ALA C 175 0.72 17.80 31.32
C ALA C 175 1.36 16.81 30.33
N LEU C 176 2.23 17.31 29.46
CA LEU C 176 2.90 16.48 28.48
C LEU C 176 3.86 15.48 29.15
N ALA C 177 4.65 15.96 30.10
CA ALA C 177 5.61 15.13 30.81
C ALA C 177 4.90 14.02 31.60
N ASP C 178 3.73 14.32 32.15
CA ASP C 178 2.96 13.34 32.93
C ASP C 178 2.41 12.22 32.06
N PHE C 179 1.93 12.57 30.87
CA PHE C 179 1.41 11.56 29.98
C PHE C 179 2.52 10.60 29.58
N ILE C 180 3.67 11.16 29.24
CA ILE C 180 4.80 10.35 28.79
C ILE C 180 5.30 9.41 29.90
N ARG C 181 5.48 9.94 31.11
CA ARG C 181 5.81 9.11 32.27
C ARG C 181 4.79 8.00 32.45
N ASN C 182 3.52 8.34 32.35
CA ASN C 182 2.45 7.38 32.57
C ASN C 182 2.35 6.33 31.45
N ASN C 183 3.05 6.57 30.35
CA ASN C 183 2.95 5.68 29.19
C ASN C 183 4.33 5.29 28.67
N LEU C 184 5.30 5.29 29.56
CA LEU C 184 6.70 5.17 29.17
C LEU C 184 7.00 3.81 28.55
N SER C 185 6.33 2.77 29.05
CA SER C 185 6.61 1.41 28.60
C SER C 185 6.11 1.16 27.19
N SER C 186 5.12 1.94 26.76
CA SER C 186 4.54 1.76 25.43
C SER C 186 5.21 2.66 24.38
N ILE C 187 5.72 3.80 24.82
CA ILE C 187 6.28 4.79 23.91
C ILE C 187 7.74 4.48 23.55
N LYS C 188 7.98 4.17 22.28
CA LYS C 188 9.30 3.77 21.82
C LYS C 188 10.01 4.89 21.07
N ALA C 189 9.27 5.94 20.74
CA ALA C 189 9.85 7.07 20.04
C ALA C 189 9.13 8.39 20.37
N TYR C 190 9.92 9.46 20.43
CA TYR C 190 9.40 10.79 20.64
C TYR C 190 9.86 11.73 19.54
N LEU C 191 8.91 12.41 18.91
CA LEU C 191 9.21 13.34 17.82
C LEU C 191 8.50 14.65 18.09
N THR C 192 9.27 15.74 18.16
CA THR C 192 8.67 17.04 18.39
C THR C 192 8.92 17.97 17.21
N ILE C 193 7.83 18.56 16.70
CA ILE C 193 7.86 19.29 15.44
C ILE C 193 8.00 20.79 15.65
N HIS C 194 9.05 21.37 15.08
CA HIS C 194 9.31 22.80 15.16
C HIS C 194 9.55 23.38 13.76
N SER C 195 9.75 24.69 13.71
CA SER C 195 10.37 25.34 12.55
C SER C 195 11.07 26.61 13.05
N TYR C 196 11.92 27.22 12.22
CA TYR C 196 12.35 26.68 10.94
C TYR C 196 13.86 26.44 11.00
N SER C 197 14.39 25.71 10.01
CA SER C 197 15.83 25.46 9.87
C SER C 197 16.11 24.32 8.89
N GLN C 198 15.13 23.47 8.69
CA GLN C 198 15.28 22.26 7.87
C GLN C 198 16.37 21.38 8.47
N MET C 199 16.10 20.87 9.68
CA MET C 199 17.03 20.00 10.38
C MET C 199 16.30 18.82 11.03
N ILE C 200 17.06 17.77 11.29
CA ILE C 200 16.66 16.77 12.28
C ILE C 200 17.72 16.72 13.36
N LEU C 201 17.32 17.10 14.56
CA LEU C 201 18.25 17.12 15.70
C LEU C 201 17.93 15.97 16.64
N TYR C 202 18.96 15.51 17.34
CA TYR C 202 18.80 14.51 18.39
C TYR C 202 19.72 14.91 19.55
N PRO C 203 19.56 14.26 20.72
CA PRO C 203 20.32 14.66 21.91
C PRO C 203 21.82 14.70 21.65
N TYR C 204 22.54 15.55 22.37
CA TYR C 204 21.97 16.39 23.41
C TYR C 204 22.04 17.87 23.06
N SER C 205 21.13 18.66 23.64
CA SER C 205 21.17 20.12 23.51
C SER C 205 21.67 20.78 24.79
N TYR C 206 21.38 20.19 25.93
CA TYR C 206 21.77 20.78 27.20
C TYR C 206 23.21 20.43 27.54
N ASP C 207 23.83 19.62 26.70
CA ASP C 207 25.24 19.27 26.88
C ASP C 207 25.88 18.84 25.55
N TYR C 208 27.20 18.90 25.51
CA TYR C 208 27.95 18.52 24.31
C TYR C 208 28.23 17.02 24.26
N LYS C 209 27.92 16.34 25.35
CA LYS C 209 28.09 14.90 25.40
C LYS C 209 27.17 14.24 24.39
N LEU C 210 27.46 13.00 24.02
CA LEU C 210 26.69 12.31 23.00
C LEU C 210 25.87 11.16 23.57
N PRO C 211 24.73 10.87 22.96
CA PRO C 211 23.91 9.70 23.33
C PRO C 211 24.69 8.42 23.04
N GLU C 212 24.39 7.36 23.78
CA GLU C 212 25.13 6.11 23.62
C GLU C 212 24.90 5.53 22.23
N ASN C 213 23.76 5.84 21.65
CA ASN C 213 23.47 5.42 20.28
C ASN C 213 23.62 6.57 19.29
N ASN C 214 24.69 7.36 19.48
CA ASN C 214 24.96 8.50 18.62
C ASN C 214 25.19 8.05 17.18
N ALA C 215 25.95 6.98 17.03
CA ALA C 215 26.24 6.44 15.71
C ALA C 215 24.94 6.04 15.03
N GLU C 216 24.07 5.39 15.80
CA GLU C 216 22.78 4.93 15.29
C GLU C 216 21.92 6.13 14.93
N LEU C 217 21.87 7.10 15.83
CA LEU C 217 21.03 8.29 15.62
C LEU C 217 21.48 9.13 14.44
N ASN C 218 22.78 9.29 14.29
CA ASN C 218 23.33 10.05 13.18
C ASN C 218 23.00 9.35 11.87
N ASN C 219 22.94 8.02 11.89
CA ASN C 219 22.68 7.25 10.69
C ASN C 219 21.20 7.26 10.32
N LEU C 220 20.33 7.18 11.31
CA LEU C 220 18.90 7.25 11.08
C LEU C 220 18.51 8.64 10.58
N ALA C 221 19.01 9.67 11.26
CA ALA C 221 18.73 11.03 10.87
C ALA C 221 19.21 11.27 9.44
N LYS C 222 20.34 10.66 9.11
CA LYS C 222 20.97 10.83 7.80
C LYS C 222 20.10 10.22 6.72
N ALA C 223 19.50 9.07 7.03
CA ALA C 223 18.70 8.35 6.05
C ALA C 223 17.35 9.04 5.85
N ALA C 224 16.77 9.52 6.93
CA ALA C 224 15.49 10.21 6.86
C ALA C 224 15.63 11.48 6.01
N VAL C 225 16.70 12.23 6.25
CA VAL C 225 16.99 13.44 5.48
C VAL C 225 17.00 13.13 3.98
N LYS C 226 17.49 11.94 3.63
CA LYS C 226 17.59 11.55 2.23
C LYS C 226 16.22 11.28 1.64
N GLU C 227 15.41 10.48 2.32
CA GLU C 227 14.02 10.26 1.90
C GLU C 227 13.37 11.61 1.64
N LEU C 228 13.39 12.47 2.65
CA LEU C 228 12.75 13.78 2.55
C LEU C 228 13.12 14.49 1.25
N ALA C 229 14.40 14.42 0.90
CA ALA C 229 14.92 15.15 -0.25
C ALA C 229 14.38 14.61 -1.57
N THR C 230 14.04 13.32 -1.61
CA THR C 230 13.67 12.68 -2.87
C THR C 230 12.44 13.34 -3.51
N LEU C 231 11.67 14.07 -2.72
CA LEU C 231 10.41 14.62 -3.21
C LEU C 231 10.60 15.92 -3.99
N TYR C 232 11.31 16.87 -3.40
CA TYR C 232 11.41 18.20 -3.97
C TYR C 232 12.83 18.74 -3.90
N GLY C 233 13.76 17.89 -3.47
CA GLY C 233 15.14 18.30 -3.41
C GLY C 233 15.48 19.11 -2.16
N THR C 234 14.52 19.21 -1.24
CA THR C 234 14.71 19.99 -0.02
C THR C 234 15.89 19.42 0.76
N LYS C 235 16.81 20.30 1.15
CA LYS C 235 18.02 19.88 1.84
C LYS C 235 17.91 20.08 3.35
N TYR C 236 18.19 19.03 4.11
CA TYR C 236 18.21 19.11 5.57
C TYR C 236 19.61 18.85 6.11
N THR C 237 19.99 19.59 7.14
CA THR C 237 21.12 19.20 7.97
C THR C 237 20.61 18.43 9.17
N TYR C 238 21.51 17.81 9.90
CA TYR C 238 21.14 16.89 10.97
C TYR C 238 22.33 16.66 11.90
N GLY C 239 22.06 16.22 13.12
CA GLY C 239 23.12 15.99 14.08
C GLY C 239 22.72 16.33 15.52
N PRO C 240 23.65 16.19 16.47
CA PRO C 240 23.37 16.50 17.88
C PRO C 240 22.94 17.95 18.07
N GLY C 241 21.99 18.17 18.96
CA GLY C 241 21.44 19.51 19.11
C GLY C 241 22.46 20.56 19.47
N ALA C 242 23.24 20.31 20.52
CA ALA C 242 24.11 21.34 21.08
C ALA C 242 25.07 21.89 20.03
N THR C 243 25.52 21.03 19.12
CA THR C 243 26.51 21.43 18.13
C THR C 243 25.90 21.73 16.75
N THR C 244 24.72 21.19 16.49
CA THR C 244 24.13 21.31 15.16
C THR C 244 23.22 22.53 15.01
N ILE C 245 22.70 23.03 16.12
CA ILE C 245 21.93 24.27 16.10
C ILE C 245 22.45 25.26 17.14
N TYR C 246 22.45 24.86 18.40
CA TYR C 246 23.05 25.63 19.49
C TYR C 246 22.68 24.99 20.83
N PRO C 247 23.45 25.29 21.88
CA PRO C 247 23.08 24.82 23.22
C PRO C 247 21.68 25.31 23.59
N ALA C 248 20.84 24.39 24.02
CA ALA C 248 19.49 24.73 24.45
C ALA C 248 19.08 23.74 25.54
N ALA C 249 19.13 24.20 26.79
CA ALA C 249 18.84 23.34 27.93
C ALA C 249 17.35 23.31 28.22
N GLY C 250 16.89 22.20 28.79
CA GLY C 250 15.50 22.08 29.19
C GLY C 250 14.56 21.66 28.07
N GLY C 251 15.13 21.13 26.98
CA GLY C 251 14.31 20.71 25.86
C GLY C 251 13.62 19.38 26.08
N SER C 252 12.46 19.21 25.44
CA SER C 252 11.64 18.02 25.62
C SER C 252 12.26 16.78 24.99
N ASP C 253 13.00 16.96 23.90
CA ASP C 253 13.60 15.82 23.23
C ASP C 253 14.67 15.15 24.07
N ASP C 254 15.51 15.96 24.71
CA ASP C 254 16.51 15.44 25.63
C ASP C 254 15.83 14.83 26.85
N TRP C 255 14.82 15.52 27.37
CA TRP C 255 14.09 15.00 28.52
C TRP C 255 13.56 13.61 28.22
N ALA C 256 12.96 13.45 27.05
CA ALA C 256 12.37 12.18 26.64
C ALA C 256 13.46 11.11 26.59
N TYR C 257 14.61 11.48 26.06
CA TYR C 257 15.72 10.56 25.90
C TYR C 257 16.23 10.06 27.24
N ASP C 258 16.40 10.97 28.19
CA ASP C 258 16.88 10.59 29.53
C ASP C 258 15.82 9.82 30.30
N GLN C 259 14.61 9.71 29.74
CA GLN C 259 13.56 8.89 30.32
C GLN C 259 13.70 7.44 29.86
N GLY C 260 14.54 7.21 28.86
CA GLY C 260 14.71 5.87 28.32
C GLY C 260 14.33 5.73 26.85
N ILE C 261 13.62 6.72 26.33
CA ILE C 261 13.15 6.66 24.94
C ILE C 261 14.33 6.88 23.99
N LYS C 262 14.79 5.77 23.40
CA LYS C 262 16.06 5.75 22.69
C LYS C 262 16.01 6.56 21.40
N TYR C 263 14.81 6.75 20.86
CA TYR C 263 14.66 7.49 19.62
C TYR C 263 13.87 8.77 19.85
N SER C 264 14.61 9.88 19.79
CA SER C 264 14.08 11.18 20.17
C SER C 264 14.68 12.24 19.22
N PHE C 265 13.84 12.83 18.39
CA PHE C 265 14.30 13.80 17.40
C PHE C 265 13.50 15.10 17.46
N THR C 266 14.18 16.22 17.23
CA THR C 266 13.51 17.48 16.98
C THR C 266 13.51 17.76 15.49
N PHE C 267 12.33 18.05 14.95
CA PHE C 267 12.20 18.42 13.54
C PHE C 267 12.05 19.92 13.37
N GLU C 268 12.99 20.52 12.64
CA GLU C 268 12.86 21.89 12.18
C GLU C 268 12.51 21.90 10.69
N LEU C 269 11.27 22.25 10.38
CA LEU C 269 10.78 22.19 9.01
C LEU C 269 11.18 23.43 8.23
N ARG C 270 10.57 23.63 7.06
CA ARG C 270 10.87 24.77 6.22
C ARG C 270 10.56 26.08 6.93
N ASP C 271 11.22 27.14 6.49
CA ASP C 271 12.25 27.03 5.47
C ASP C 271 13.62 27.31 6.09
N LYS C 272 14.49 28.02 5.37
CA LYS C 272 15.81 28.34 5.89
C LYS C 272 16.02 29.83 6.15
N GLY C 273 14.98 30.62 5.89
CA GLY C 273 15.05 32.03 6.23
C GLY C 273 14.34 32.96 5.27
N ARG C 274 14.03 32.48 4.08
CA ARG C 274 13.38 33.34 3.09
C ARG C 274 12.08 33.89 3.65
N TYR C 275 11.27 33.02 4.24
CA TYR C 275 10.02 33.42 4.85
C TYR C 275 10.02 33.19 6.35
N GLY C 276 10.96 32.35 6.82
CA GLY C 276 11.04 32.08 8.24
C GLY C 276 9.77 31.48 8.81
N PHE C 277 9.35 31.98 9.98
CA PHE C 277 8.16 31.46 10.63
C PHE C 277 6.93 31.71 9.79
N ILE C 278 6.99 32.72 8.93
CA ILE C 278 5.84 33.11 8.13
C ILE C 278 5.81 32.36 6.79
N LEU C 279 5.95 31.05 6.85
CA LEU C 279 5.90 30.24 5.64
C LEU C 279 4.55 30.43 4.96
N PRO C 280 4.56 30.72 3.65
CA PRO C 280 3.31 30.90 2.91
C PRO C 280 2.45 29.63 2.86
N GLU C 281 1.12 29.82 2.80
CA GLU C 281 0.18 28.70 2.85
C GLU C 281 0.38 27.77 1.68
N SER C 282 0.89 28.31 0.58
CA SER C 282 1.09 27.53 -0.65
C SER C 282 2.26 26.56 -0.54
N GLN C 283 3.01 26.61 0.56
CA GLN C 283 4.09 25.65 0.78
C GLN C 283 3.68 24.51 1.73
N ILE C 284 2.54 24.69 2.39
CA ILE C 284 2.09 23.74 3.40
C ILE C 284 2.08 22.30 2.89
N GLN C 285 1.42 22.09 1.75
CA GLN C 285 1.24 20.75 1.21
C GLN C 285 2.56 20.05 0.91
N ALA C 286 3.48 20.77 0.28
CA ALA C 286 4.77 20.20 -0.10
C ALA C 286 5.60 19.89 1.14
N THR C 287 5.62 20.83 2.08
CA THR C 287 6.38 20.66 3.31
C THR C 287 5.91 19.42 4.07
N CYS C 288 4.61 19.26 4.17
CA CYS C 288 4.03 18.12 4.87
C CYS C 288 4.25 16.81 4.12
N GLU C 289 4.08 16.83 2.80
CA GLU C 289 4.32 15.64 1.99
C GLU C 289 5.74 15.11 2.16
N GLU C 290 6.73 16.01 2.07
CA GLU C 290 8.13 15.60 2.16
C GLU C 290 8.52 15.22 3.58
N THR C 291 7.98 15.95 4.55
CA THR C 291 8.24 15.63 5.96
C THR C 291 7.71 14.24 6.31
N MET C 292 6.51 13.93 5.81
CA MET C 292 5.92 12.62 6.03
C MET C 292 6.89 11.49 5.68
N LEU C 293 7.75 11.69 4.67
CA LEU C 293 8.65 10.64 4.21
C LEU C 293 9.68 10.36 5.29
N ALA C 294 10.17 11.42 5.91
CA ALA C 294 11.15 11.31 6.97
C ALA C 294 10.51 10.68 8.19
N ILE C 295 9.31 11.14 8.54
CA ILE C 295 8.57 10.56 9.66
C ILE C 295 8.36 9.07 9.41
N LYS C 296 7.80 8.75 8.24
CA LYS C 296 7.55 7.36 7.88
C LYS C 296 8.82 6.53 7.95
N TYR C 297 9.92 7.10 7.47
CA TYR C 297 11.18 6.39 7.47
C TYR C 297 11.60 6.07 8.90
N VAL C 298 11.59 7.10 9.75
CA VAL C 298 11.93 6.95 11.16
C VAL C 298 11.00 5.96 11.84
N THR C 299 9.72 6.03 11.52
CA THR C 299 8.72 5.13 12.08
C THR C 299 9.06 3.70 11.72
N ASN C 300 9.30 3.49 10.43
CA ASN C 300 9.61 2.16 9.93
C ASN C 300 10.85 1.61 10.61
N TYR C 301 11.87 2.45 10.76
CA TYR C 301 13.11 2.03 11.40
C TYR C 301 12.82 1.56 12.81
N VAL C 302 12.14 2.42 13.57
CA VAL C 302 11.75 2.10 14.94
C VAL C 302 11.03 0.77 14.99
N LEU C 303 10.10 0.57 14.07
CA LEU C 303 9.32 -0.65 14.05
C LEU C 303 10.23 -1.84 13.79
N GLY C 304 11.38 -1.57 13.18
CA GLY C 304 12.32 -2.62 12.85
C GLY C 304 13.41 -2.80 13.89
N HIS C 305 13.25 -2.16 15.04
CA HIS C 305 14.19 -2.31 16.14
C HIS C 305 13.47 -2.45 17.48
N LEU C 306 12.28 -3.04 17.45
CA LEU C 306 11.50 -3.28 18.66
C LEU C 306 11.80 -4.67 19.22
C1 73P D 1 -6.76 2.02 -16.90
C9 73P D 1 -9.82 -0.15 -15.84
C12 73P D 1 -11.14 -0.53 -16.50
C20 73P D 1 -10.89 -1.21 -17.85
N 73P D 1 -11.95 -1.31 -15.56
C 73P D 1 -13.15 -1.83 -15.87
O 73P D 1 -13.60 -1.77 -17.01
O22 73P D 1 -11.16 -0.62 -18.89
O21 73P D 1 -10.40 -2.34 -17.91
C6 73P D 1 -8.96 0.78 -16.71
C5 73P D 1 -7.63 1.11 -16.03
N1 73P D 1 -6.44 1.36 -18.17
N DLY D 2 -13.77 -2.52 -14.91
CA DLY D 2 -15.13 -3.07 -15.06
C DLY D 2 -15.22 -4.45 -15.70
O DLY D 2 -16.29 -4.83 -16.20
CB DLY D 2 -15.86 -3.10 -13.72
CG DLY D 2 -15.09 -3.86 -12.63
CD DLY D 2 -16.00 -4.08 -11.41
CE DLY D 2 -15.28 -4.76 -10.25
NZ DLY D 2 -14.75 -6.07 -10.67
N VAL D 3 -14.14 -5.22 -15.65
CA VAL D 3 -14.16 -6.58 -16.23
C VAL D 3 -14.78 -7.53 -15.20
N 73O D 4 -15.63 -8.42 -15.69
CA 73O D 4 -16.29 -9.43 -14.84
C 73O D 4 -15.29 -10.54 -14.52
C52 73O D 4 -17.48 -10.05 -15.57
C54 73O D 4 -18.57 -9.02 -15.87
C57 73O D 4 -19.72 -9.67 -16.65
C60 73O D 4 -21.02 -9.63 -16.16
C61 73O D 4 -22.06 -10.23 -16.88
C62 73O D 4 -21.79 -10.87 -18.08
C63 73O D 4 -20.49 -10.91 -18.58
C64 73O D 4 -19.45 -10.31 -17.86
O69 73O D 4 -22.79 -11.46 -18.78
O 73O D 4 -14.68 -11.09 -15.43
N MAA D 5 -15.09 -10.82 -13.23
CM MAA D 5 -14.13 -11.91 -12.97
CA MAA D 5 -15.82 -10.10 -12.17
CB MAA D 5 -16.81 -11.03 -11.48
C MAA D 5 -14.82 -9.53 -11.15
O MAA D 5 -14.71 -10.02 -10.03
N PHE D 6 -14.11 -8.50 -11.59
CA PHE D 6 -13.09 -7.85 -10.77
C PHE D 6 -13.55 -6.48 -10.26
C1 73P E 1 10.31 -36.46 -5.49
C9 73P E 1 12.71 -34.13 -6.06
C12 73P E 1 13.88 -33.45 -5.35
C20 73P E 1 14.65 -34.44 -4.48
N 73P E 1 14.78 -32.85 -6.35
C 73P E 1 15.84 -32.10 -5.99
O 73P E 1 16.28 -32.14 -4.84
O22 73P E 1 15.50 -35.11 -5.06
O21 73P E 1 14.38 -34.58 -3.28
C6 73P E 1 11.49 -34.24 -5.13
C5 73P E 1 10.30 -34.96 -5.79
N1 73P E 1 10.06 -36.69 -4.07
N DLY E 2 16.48 -31.50 -6.98
CA DLY E 2 17.65 -30.62 -6.77
C DLY E 2 19.01 -31.35 -6.66
O DLY E 2 19.95 -30.81 -6.09
CB DLY E 2 17.75 -29.56 -7.88
CG DLY E 2 17.85 -30.12 -9.30
CD DLY E 2 18.33 -29.08 -10.31
CE DLY E 2 18.31 -29.67 -11.71
NZ DLY E 2 19.17 -30.85 -11.83
N VAL E 3 19.05 -32.56 -7.20
CA VAL E 3 20.30 -33.34 -7.13
C VAL E 3 21.20 -32.92 -8.29
N 73O E 4 22.47 -32.76 -7.95
CA 73O E 4 23.46 -32.34 -8.95
C 73O E 4 23.87 -33.53 -9.80
C52 73O E 4 24.72 -31.81 -8.23
C54 73O E 4 24.44 -30.59 -7.36
C57 73O E 4 25.70 -30.18 -6.59
C60 73O E 4 26.47 -29.11 -7.03
C61 73O E 4 27.63 -28.75 -6.34
C62 73O E 4 28.04 -29.48 -5.23
C63 73O E 4 27.27 -30.55 -4.79
C64 73O E 4 26.10 -30.90 -5.47
O69 73O E 4 29.19 -29.16 -4.59
O 73O E 4 24.23 -34.59 -9.28
N MAA E 5 23.87 -33.35 -11.12
CM MAA E 5 24.31 -34.51 -11.91
CA MAA E 5 23.48 -32.07 -11.74
CB MAA E 5 24.66 -31.45 -12.51
C MAA E 5 22.29 -32.29 -12.69
O MAA E 5 22.40 -32.11 -13.90
N PHE E 6 21.17 -32.67 -12.09
CA PHE E 6 19.94 -32.92 -12.86
C PHE E 6 18.99 -31.72 -12.82
C1 73P F 1 16.36 20.63 21.34
C9 73P F 1 15.80 23.92 19.34
C12 73P F 1 14.69 24.99 19.37
C20 73P F 1 14.59 25.64 20.75
N 73P F 1 14.88 25.93 18.26
C 73P F 1 14.15 27.05 18.11
O 73P F 1 13.32 27.39 18.94
O22 73P F 1 15.25 26.66 21.02
O21 73P F 1 13.85 25.17 21.61
C6 73P F 1 15.51 22.78 20.32
C5 73P F 1 16.63 21.74 20.31
N1 73P F 1 16.30 21.21 22.69
N DLY F 2 14.44 27.80 17.05
CA DLY F 2 13.67 29.01 16.69
C DLY F 2 14.06 30.29 17.44
O DLY F 2 13.29 31.24 17.44
CB DLY F 2 13.76 29.30 15.18
CG DLY F 2 15.20 29.45 14.69
CD DLY F 2 15.21 30.03 13.28
CE DLY F 2 16.61 30.14 12.69
NZ DLY F 2 17.48 30.92 13.58
N VAL F 3 15.25 30.31 18.04
CA VAL F 3 15.70 31.51 18.76
C VAL F 3 16.21 32.53 17.74
N 73O F 4 15.83 33.79 17.93
CA 73O F 4 16.24 34.90 17.04
C 73O F 4 17.67 35.34 17.35
C52 73O F 4 15.28 36.07 17.23
C54 73O F 4 13.84 35.61 16.96
C57 73O F 4 12.82 36.72 17.21
C60 73O F 4 12.00 37.14 16.17
C61 73O F 4 11.05 38.13 16.40
C62 73O F 4 10.91 38.69 17.66
C63 73O F 4 11.74 38.28 18.70
C64 73O F 4 12.69 37.30 18.48
O69 73O F 4 9.99 39.68 17.87
O 73O F 4 17.99 35.60 18.50
N MAA F 5 18.51 35.40 16.31
CM MAA F 5 19.87 35.82 16.63
CA MAA F 5 18.07 35.06 14.95
CB MAA F 5 18.12 36.30 14.05
C MAA F 5 18.93 33.95 14.36
O MAA F 5 19.63 34.14 13.37
N PHE F 6 18.84 32.78 14.98
CA PHE F 6 19.60 31.58 14.58
C PHE F 6 18.80 30.72 13.61
ZN ZN G . -15.16 0.66 -17.53
ZN ZN H . 14.96 -29.70 -3.14
ZN ZN I . 10.55 25.83 17.84
#